data_6VYI
#
_entry.id   6VYI
#
_cell.length_a   1.00
_cell.length_b   1.00
_cell.length_c   1.00
_cell.angle_alpha   90.00
_cell.angle_beta   90.00
_cell.angle_gamma   90.00
#
_symmetry.space_group_name_H-M   'P 1'
#
loop_
_entity.id
_entity.type
_entity.pdbx_description
1 polymer 'Diacylglycerol O-acyltransferase 1'
2 non-polymer '[(2~{R})-1-[2-azanylethoxy(oxidanyl)phosphoryl]oxy-3-hexadecanoyloxy-propan-2-yl] (~{Z})-octadec-9-enoate'
#
_entity_poly.entity_id   1
_entity_poly.type   'polypeptide(L)'
_entity_poly.pdbx_seq_one_letter_code
;MGDRGSSRRRRTGSRPSSHGGGGPAAAEEEVRDAAAGPDVGAAGDAPAPAPNKDGDAGVGSGHWELRCHRLQDSLFSSDS
GFSNYRGILNWCVVMLILSNARLFLENLIKYGILVDPIQVVSLFLKDPYSWPAPCLVIAANVFAVAAFQVEKRLAVGALT
EQAGLLLHVANLATILCFPAAVVLLVESITPVGSLLALMAHTILFLKLFSYRDVNSWCRRARAKAASAGKKASSAAAPHT
VSYPDNLTYRDLYYFLFAPTLCYELNFPRSPRIRKRFLLRRILEMLFFTQLQVGLIQQWMVPTIQNSMKPFKDMDYSRII
ERLLKLAVPNHLIWLIFFYWLFHSCLNAVAELMQFGDREFYRDWWNSESVTYFWQNWNIPVHKWCIRHFYKPMLRRGSSK
WMARTGVFLASAFFHEYLVSVPLRMFRLWAFTGMMAQIPLAWFVGRFFQGNYGNAAVWLSLIIGQPIAVLMYVHDYYVLN
YEAPAAEA
;
_entity_poly.pdbx_strand_id   A,B
#
# COMPACT_ATOMS: atom_id res chain seq x y z
N LEU A 66 31.13 12.00 10.76
CA LEU A 66 30.51 13.28 11.08
C LEU A 66 29.74 13.19 12.39
N ARG A 67 28.42 13.25 12.30
CA ARG A 67 27.53 13.09 13.46
C ARG A 67 26.54 11.99 13.12
N CYS A 68 26.59 10.89 13.86
CA CYS A 68 25.78 9.74 13.51
C CYS A 68 24.29 9.94 13.77
N HIS A 69 23.90 11.03 14.45
CA HIS A 69 22.51 11.25 14.82
C HIS A 69 22.06 12.63 14.34
N ARG A 70 21.15 12.64 13.39
CA ARG A 70 20.51 13.88 12.95
C ARG A 70 19.25 14.11 13.77
N LEU A 71 18.42 15.04 13.34
CA LEU A 71 17.14 15.32 13.98
C LEU A 71 16.08 15.15 12.90
N GLN A 72 15.52 13.94 12.80
CA GLN A 72 14.59 13.62 11.72
C GLN A 72 13.38 12.88 12.25
N ASP A 73 12.56 12.34 11.34
CA ASP A 73 11.32 11.68 11.70
C ASP A 73 11.26 10.31 11.04
N SER A 74 10.46 9.43 11.63
CA SER A 74 10.27 8.12 11.06
C SER A 74 9.54 8.22 9.73
N LEU A 75 9.83 7.28 8.83
CA LEU A 75 9.28 7.39 7.49
C LEU A 75 7.77 7.26 7.47
N PHE A 76 7.20 6.45 8.35
CA PHE A 76 5.75 6.32 8.39
C PHE A 76 5.06 7.49 9.04
N SER A 77 5.79 8.45 9.58
CA SER A 77 5.15 9.56 10.28
C SER A 77 4.57 10.53 9.28
N SER A 78 3.56 11.28 9.74
CA SER A 78 2.90 12.23 8.86
C SER A 78 3.83 13.35 8.46
N ASP A 79 4.48 13.96 9.44
CA ASP A 79 5.32 15.12 9.21
C ASP A 79 6.67 14.77 8.62
N SER A 80 6.84 13.56 8.10
CA SER A 80 8.11 13.20 7.50
C SER A 80 8.14 13.47 6.00
N GLY A 81 7.01 13.26 5.32
CA GLY A 81 6.94 13.49 3.90
C GLY A 81 7.84 12.55 3.12
N PHE A 82 7.71 11.26 3.37
CA PHE A 82 8.54 10.29 2.63
C PHE A 82 7.91 9.99 1.27
N SER A 83 6.75 9.37 1.28
CA SER A 83 5.99 9.08 0.06
C SER A 83 6.84 8.42 -1.01
N ASN A 84 7.31 7.21 -0.70
CA ASN A 84 7.95 6.34 -1.68
C ASN A 84 7.52 4.91 -1.44
N TYR A 85 6.22 4.71 -1.26
CA TYR A 85 5.67 3.44 -0.83
C TYR A 85 5.39 2.50 -1.99
N ARG A 86 6.09 2.63 -3.10
CA ARG A 86 5.97 1.64 -4.16
C ARG A 86 6.64 0.37 -3.68
N GLY A 87 5.84 -0.58 -3.21
CA GLY A 87 6.38 -1.73 -2.52
C GLY A 87 5.36 -2.10 -1.49
N ILE A 88 4.49 -1.16 -1.17
CA ILE A 88 3.21 -1.51 -0.61
C ILE A 88 2.25 -1.88 -1.73
N LEU A 89 2.58 -1.53 -2.96
CA LEU A 89 1.84 -2.04 -4.11
C LEU A 89 2.35 -3.41 -4.51
N ASN A 90 3.66 -3.54 -4.71
CA ASN A 90 4.21 -4.86 -5.00
C ASN A 90 3.83 -5.87 -3.92
N TRP A 91 3.65 -5.42 -2.69
CA TRP A 91 3.20 -6.35 -1.66
C TRP A 91 1.78 -6.80 -1.92
N CYS A 92 0.90 -5.88 -2.30
CA CYS A 92 -0.47 -6.28 -2.59
C CYS A 92 -0.53 -7.19 -3.80
N VAL A 93 0.32 -6.97 -4.79
CA VAL A 93 0.36 -7.87 -5.93
C VAL A 93 0.85 -9.25 -5.51
N VAL A 94 1.94 -9.28 -4.72
CA VAL A 94 2.47 -10.56 -4.27
C VAL A 94 1.44 -11.32 -3.47
N MET A 95 0.70 -10.63 -2.61
CA MET A 95 -0.26 -11.33 -1.77
C MET A 95 -1.49 -11.75 -2.54
N LEU A 96 -1.99 -10.91 -3.45
CA LEU A 96 -3.09 -11.33 -4.31
C LEU A 96 -2.72 -12.55 -5.11
N ILE A 97 -1.50 -12.58 -5.65
CA ILE A 97 -1.05 -13.73 -6.42
C ILE A 97 -0.92 -14.95 -5.52
N LEU A 98 -0.28 -14.81 -4.37
CA LEU A 98 -0.13 -15.95 -3.48
C LEU A 98 -1.48 -16.49 -3.02
N SER A 99 -2.49 -15.65 -2.97
CA SER A 99 -3.78 -16.09 -2.48
C SER A 99 -4.71 -16.59 -3.57
N ASN A 100 -4.51 -16.19 -4.83
CA ASN A 100 -5.42 -16.55 -5.89
C ASN A 100 -4.74 -17.25 -7.06
N ALA A 101 -3.48 -17.61 -6.97
CA ALA A 101 -2.79 -18.13 -8.14
C ALA A 101 -3.20 -19.55 -8.47
N ARG A 102 -3.32 -20.41 -7.47
CA ARG A 102 -3.78 -21.77 -7.74
C ARG A 102 -5.14 -21.74 -8.40
N LEU A 103 -6.08 -21.00 -7.81
CA LEU A 103 -7.42 -20.93 -8.37
C LEU A 103 -7.41 -20.25 -9.73
N PHE A 104 -6.47 -19.33 -9.97
CA PHE A 104 -6.43 -18.65 -11.25
C PHE A 104 -5.90 -19.54 -12.35
N LEU A 105 -4.86 -20.33 -12.07
CA LEU A 105 -4.41 -21.31 -13.04
C LEU A 105 -5.51 -22.34 -13.30
N GLU A 106 -6.23 -22.75 -12.26
CA GLU A 106 -7.33 -23.68 -12.43
C GLU A 106 -8.40 -23.12 -13.34
N ASN A 107 -8.90 -21.92 -13.03
CA ASN A 107 -9.94 -21.30 -13.84
C ASN A 107 -9.43 -20.89 -15.21
N LEU A 108 -8.12 -20.75 -15.39
CA LEU A 108 -7.61 -20.40 -16.71
C LEU A 108 -7.53 -21.63 -17.60
N ILE A 109 -7.08 -22.76 -17.05
CA ILE A 109 -7.09 -23.98 -17.85
C ILE A 109 -8.52 -24.43 -18.08
N LYS A 110 -9.43 -24.20 -17.13
CA LYS A 110 -10.79 -24.65 -17.26
C LYS A 110 -11.63 -23.75 -18.17
N TYR A 111 -11.36 -22.45 -18.18
CA TYR A 111 -12.08 -21.53 -19.05
C TYR A 111 -11.31 -21.19 -20.31
N GLY A 112 -9.98 -21.15 -20.26
CA GLY A 112 -9.22 -20.89 -21.47
C GLY A 112 -9.23 -22.01 -22.48
N ILE A 113 -9.56 -23.23 -22.04
CA ILE A 113 -9.66 -24.37 -22.96
C ILE A 113 -10.88 -24.28 -23.85
N LEU A 114 -11.78 -23.33 -23.61
CA LEU A 114 -13.00 -23.24 -24.39
C LEU A 114 -12.72 -22.70 -25.79
N VAL A 115 -13.75 -22.77 -26.63
CA VAL A 115 -13.66 -22.38 -28.03
C VAL A 115 -14.42 -21.06 -28.23
N ASP A 116 -14.44 -20.24 -27.17
CA ASP A 116 -15.11 -18.93 -27.16
C ASP A 116 -14.89 -18.08 -28.41
N PRO A 117 -13.63 -17.84 -28.90
CA PRO A 117 -13.42 -16.72 -29.83
C PRO A 117 -14.29 -16.71 -31.09
N ILE A 118 -14.22 -17.78 -31.88
CA ILE A 118 -14.90 -17.80 -33.17
C ILE A 118 -16.28 -18.43 -33.09
N GLN A 119 -16.64 -19.03 -31.97
CA GLN A 119 -17.97 -19.60 -31.83
C GLN A 119 -19.01 -18.55 -31.43
N VAL A 120 -18.64 -17.63 -30.54
CA VAL A 120 -19.60 -16.62 -30.11
C VAL A 120 -19.85 -15.61 -31.23
N VAL A 121 -18.82 -15.29 -32.02
CA VAL A 121 -19.01 -14.36 -33.12
C VAL A 121 -19.90 -14.98 -34.20
N SER A 122 -19.66 -16.25 -34.54
CA SER A 122 -20.52 -16.92 -35.50
C SER A 122 -21.94 -17.07 -34.96
N LEU A 123 -22.08 -17.28 -33.66
CA LEU A 123 -23.41 -17.40 -33.08
C LEU A 123 -24.17 -16.08 -33.14
N PHE A 124 -23.48 -14.97 -32.88
CA PHE A 124 -24.11 -13.67 -33.02
C PHE A 124 -24.47 -13.39 -34.48
N LEU A 125 -23.57 -13.72 -35.41
CA LEU A 125 -23.85 -13.53 -36.82
C LEU A 125 -24.95 -14.45 -37.31
N LYS A 126 -25.25 -15.52 -36.57
CA LYS A 126 -26.35 -16.39 -36.95
C LYS A 126 -27.69 -15.66 -36.85
N ASP A 127 -27.85 -14.83 -35.81
CA ASP A 127 -29.10 -14.11 -35.59
C ASP A 127 -28.82 -12.66 -35.20
N PRO A 128 -28.39 -11.83 -36.15
CA PRO A 128 -28.48 -10.38 -35.95
C PRO A 128 -29.93 -9.97 -35.80
N TYR A 129 -30.12 -8.74 -35.33
CA TYR A 129 -31.37 -8.20 -34.79
C TYR A 129 -31.74 -8.84 -33.47
N SER A 130 -31.00 -9.86 -33.04
CA SER A 130 -31.04 -10.38 -31.69
C SER A 130 -29.71 -10.05 -31.02
N TRP A 131 -29.66 -10.25 -29.71
CA TRP A 131 -28.56 -9.71 -28.92
C TRP A 131 -28.49 -8.22 -29.18
N PRO A 132 -29.48 -7.44 -28.74
CA PRO A 132 -29.55 -6.03 -29.17
C PRO A 132 -28.41 -5.17 -28.65
N ALA A 133 -27.64 -5.63 -27.66
CA ALA A 133 -26.55 -4.78 -27.17
C ALA A 133 -25.38 -4.73 -28.14
N PRO A 134 -24.84 -5.85 -28.63
CA PRO A 134 -23.88 -5.71 -29.73
C PRO A 134 -24.47 -5.07 -30.96
N CYS A 135 -25.77 -5.25 -31.20
CA CYS A 135 -26.41 -4.56 -32.31
C CYS A 135 -26.29 -3.06 -32.14
N LEU A 136 -26.56 -2.55 -30.94
CA LEU A 136 -26.42 -1.13 -30.67
C LEU A 136 -24.98 -0.67 -30.84
N VAL A 137 -24.04 -1.45 -30.29
CA VAL A 137 -22.64 -1.05 -30.35
C VAL A 137 -22.18 -0.97 -31.80
N ILE A 138 -22.67 -1.87 -32.65
CA ILE A 138 -22.29 -1.83 -34.05
C ILE A 138 -23.01 -0.70 -34.76
N ALA A 139 -24.24 -0.40 -34.38
CA ALA A 139 -24.96 0.70 -35.00
C ALA A 139 -24.37 2.05 -34.66
N ALA A 140 -23.61 2.14 -33.56
CA ALA A 140 -22.91 3.38 -33.25
C ALA A 140 -22.01 3.84 -34.39
N ASN A 141 -21.56 2.92 -35.24
CA ASN A 141 -20.76 3.32 -36.39
C ASN A 141 -21.53 4.26 -37.30
N VAL A 142 -22.86 4.17 -37.29
CA VAL A 142 -23.66 5.09 -38.10
C VAL A 142 -23.46 6.52 -37.62
N PHE A 143 -23.50 6.74 -36.31
CA PHE A 143 -23.29 8.08 -35.78
C PHE A 143 -21.86 8.53 -36.00
N ALA A 144 -20.91 7.61 -35.85
CA ALA A 144 -19.53 7.95 -36.15
C ALA A 144 -19.39 8.46 -37.57
N VAL A 145 -19.88 7.68 -38.54
CA VAL A 145 -19.77 8.06 -39.94
C VAL A 145 -20.55 9.32 -40.23
N ALA A 146 -21.68 9.53 -39.56
CA ALA A 146 -22.45 10.73 -39.80
C ALA A 146 -21.71 11.97 -39.36
N ALA A 147 -21.05 11.90 -38.20
CA ALA A 147 -20.23 13.03 -37.76
C ALA A 147 -19.07 13.25 -38.72
N PHE A 148 -18.40 12.18 -39.11
CA PHE A 148 -17.31 12.31 -40.06
C PHE A 148 -17.80 12.91 -41.38
N GLN A 149 -19.02 12.59 -41.78
CA GLN A 149 -19.52 13.06 -43.06
C GLN A 149 -19.86 14.53 -42.99
N VAL A 150 -20.53 14.98 -41.93
CA VAL A 150 -20.82 16.40 -41.83
C VAL A 150 -19.54 17.19 -41.68
N GLU A 151 -18.52 16.62 -41.04
CA GLU A 151 -17.24 17.31 -40.94
C GLU A 151 -16.57 17.41 -42.31
N LYS A 152 -16.29 16.27 -42.94
CA LYS A 152 -15.63 16.25 -44.23
C LYS A 152 -16.42 16.97 -45.31
N ARG A 153 -17.73 17.19 -45.09
CA ARG A 153 -18.52 17.94 -46.04
C ARG A 153 -18.42 19.45 -45.78
N LEU A 154 -18.50 19.87 -44.53
CA LEU A 154 -18.28 21.28 -44.26
C LEU A 154 -16.81 21.65 -44.26
N ALA A 155 -15.93 20.68 -44.48
CA ALA A 155 -14.50 20.99 -44.53
C ALA A 155 -14.15 21.83 -45.74
N VAL A 156 -14.93 21.74 -46.81
CA VAL A 156 -14.57 22.44 -48.04
C VAL A 156 -15.54 23.58 -48.37
N GLY A 157 -16.80 23.27 -48.66
CA GLY A 157 -17.66 24.34 -49.13
C GLY A 157 -19.04 24.48 -48.55
N ALA A 158 -19.59 23.41 -47.99
CA ALA A 158 -21.02 23.37 -47.70
C ALA A 158 -21.26 23.49 -46.20
N LEU A 159 -22.53 23.68 -45.85
CA LEU A 159 -22.98 23.71 -44.46
C LEU A 159 -22.25 24.80 -43.67
N THR A 160 -22.61 26.04 -43.99
CA THR A 160 -22.19 27.18 -43.17
C THR A 160 -22.31 26.85 -41.69
N GLU A 161 -21.38 27.38 -40.89
CA GLU A 161 -21.14 26.93 -39.51
C GLU A 161 -22.42 26.65 -38.73
N GLN A 162 -23.46 27.45 -38.96
CA GLN A 162 -24.74 27.21 -38.27
C GLN A 162 -25.31 25.85 -38.66
N ALA A 163 -25.33 25.56 -39.96
CA ALA A 163 -25.89 24.30 -40.42
C ALA A 163 -25.08 23.10 -39.92
N GLY A 164 -23.76 23.20 -39.99
CA GLY A 164 -22.92 22.11 -39.49
C GLY A 164 -23.07 21.91 -37.99
N LEU A 165 -23.17 23.01 -37.24
CA LEU A 165 -23.36 22.90 -35.81
C LEU A 165 -24.71 22.26 -35.49
N LEU A 166 -25.74 22.57 -36.27
CA LEU A 166 -27.03 21.93 -36.05
C LEU A 166 -26.98 20.44 -36.38
N LEU A 167 -26.32 20.08 -37.48
CA LEU A 167 -26.18 18.66 -37.80
C LEU A 167 -25.43 17.92 -36.71
N HIS A 168 -24.39 18.53 -36.15
CA HIS A 168 -23.63 17.87 -35.11
C HIS A 168 -24.40 17.78 -33.81
N VAL A 169 -25.18 18.81 -33.48
CA VAL A 169 -26.00 18.74 -32.28
C VAL A 169 -27.07 17.68 -32.42
N ALA A 170 -27.67 17.57 -33.60
CA ALA A 170 -28.62 16.49 -33.84
C ALA A 170 -27.95 15.13 -33.70
N ASN A 171 -26.75 14.98 -34.27
CA ASN A 171 -26.04 13.71 -34.16
C ASN A 171 -25.73 13.37 -32.72
N LEU A 172 -25.31 14.36 -31.92
CA LEU A 172 -24.95 14.09 -30.53
C LEU A 172 -26.17 13.74 -29.71
N ALA A 173 -27.23 14.55 -29.80
CA ALA A 173 -28.46 14.23 -29.08
C ALA A 173 -29.00 12.88 -29.50
N THR A 174 -28.78 12.48 -30.76
CA THR A 174 -29.23 11.16 -31.19
C THR A 174 -28.37 10.07 -30.58
N ILE A 175 -27.06 10.28 -30.52
CA ILE A 175 -26.18 9.34 -29.84
C ILE A 175 -26.63 9.12 -28.40
N LEU A 176 -27.15 10.17 -27.78
CA LEU A 176 -27.54 10.01 -26.38
C LEU A 176 -28.92 9.39 -26.23
N CYS A 177 -29.87 9.77 -27.09
CA CYS A 177 -31.26 9.37 -26.90
C CYS A 177 -31.65 8.11 -27.65
N PHE A 178 -30.84 7.63 -28.57
CA PHE A 178 -31.22 6.43 -29.31
C PHE A 178 -30.93 5.15 -28.52
N PRO A 179 -29.74 4.96 -27.95
CA PRO A 179 -29.50 3.73 -27.20
C PRO A 179 -30.33 3.66 -25.93
N ALA A 180 -30.59 4.78 -25.28
CA ALA A 180 -31.53 4.79 -24.18
C ALA A 180 -32.89 4.26 -24.63
N ALA A 181 -33.36 4.72 -25.78
CA ALA A 181 -34.64 4.27 -26.29
C ALA A 181 -34.62 2.77 -26.57
N VAL A 182 -33.62 2.30 -27.30
CA VAL A 182 -33.55 0.87 -27.63
C VAL A 182 -33.47 0.05 -26.36
N VAL A 183 -32.73 0.52 -25.37
CA VAL A 183 -32.59 -0.22 -24.13
C VAL A 183 -33.91 -0.31 -23.39
N LEU A 184 -34.60 0.81 -23.25
CA LEU A 184 -35.84 0.82 -22.49
C LEU A 184 -36.94 0.07 -23.23
N LEU A 185 -37.03 0.25 -24.54
CA LEU A 185 -38.12 -0.34 -25.32
C LEU A 185 -37.77 -1.72 -25.88
N VAL A 186 -36.90 -2.46 -25.21
CA VAL A 186 -36.59 -3.84 -25.57
C VAL A 186 -36.44 -4.63 -24.28
N GLU A 187 -37.06 -5.81 -24.24
CA GLU A 187 -37.01 -6.64 -23.05
C GLU A 187 -35.93 -7.71 -23.11
N SER A 188 -35.39 -8.00 -24.28
CA SER A 188 -34.46 -9.10 -24.45
C SER A 188 -33.00 -8.66 -24.27
N ILE A 189 -32.77 -7.53 -23.64
CA ILE A 189 -31.43 -6.97 -23.52
C ILE A 189 -30.95 -7.14 -22.09
N THR A 190 -29.81 -7.81 -21.94
CA THR A 190 -29.22 -8.02 -20.62
C THR A 190 -28.75 -6.68 -20.04
N PRO A 191 -28.80 -6.53 -18.72
CA PRO A 191 -28.37 -5.26 -18.12
C PRO A 191 -26.88 -5.00 -18.23
N VAL A 192 -26.04 -6.04 -18.20
CA VAL A 192 -24.62 -5.81 -18.42
C VAL A 192 -24.37 -5.39 -19.87
N GLY A 193 -25.09 -6.01 -20.82
CA GLY A 193 -24.93 -5.60 -22.20
C GLY A 193 -25.55 -4.25 -22.46
N SER A 194 -26.66 -3.95 -21.79
CA SER A 194 -27.20 -2.60 -21.82
C SER A 194 -26.18 -1.59 -21.33
N LEU A 195 -25.50 -1.89 -20.23
CA LEU A 195 -24.50 -0.97 -19.71
C LEU A 195 -23.35 -0.81 -20.68
N LEU A 196 -22.90 -1.90 -21.30
CA LEU A 196 -21.82 -1.77 -22.27
C LEU A 196 -22.25 -0.91 -23.44
N ALA A 197 -23.49 -1.07 -23.91
CA ALA A 197 -23.95 -0.25 -25.02
C ALA A 197 -24.01 1.22 -24.63
N LEU A 198 -24.58 1.52 -23.47
CA LEU A 198 -24.71 2.92 -23.06
C LEU A 198 -23.35 3.53 -22.74
N MET A 199 -22.41 2.74 -22.25
CA MET A 199 -21.10 3.29 -21.94
C MET A 199 -20.30 3.50 -23.21
N ALA A 200 -20.42 2.58 -24.17
CA ALA A 200 -19.82 2.80 -25.47
C ALA A 200 -20.40 4.03 -26.14
N HIS A 201 -21.69 4.27 -25.98
CA HIS A 201 -22.29 5.41 -26.65
C HIS A 201 -22.01 6.72 -25.93
N THR A 202 -21.86 6.72 -24.61
CA THR A 202 -21.44 7.95 -23.96
C THR A 202 -19.98 8.25 -24.23
N ILE A 203 -19.15 7.22 -24.37
CA ILE A 203 -17.77 7.43 -24.78
C ILE A 203 -17.72 8.00 -26.18
N LEU A 204 -18.54 7.45 -27.09
CA LEU A 204 -18.59 7.97 -28.44
C LEU A 204 -19.12 9.39 -28.46
N PHE A 205 -20.08 9.70 -27.59
CA PHE A 205 -20.61 11.06 -27.53
C PHE A 205 -19.52 12.05 -27.13
N LEU A 206 -18.80 11.75 -26.05
CA LEU A 206 -17.73 12.64 -25.63
C LEU A 206 -16.65 12.76 -26.71
N LYS A 207 -16.29 11.63 -27.32
CA LYS A 207 -15.29 11.64 -28.38
C LYS A 207 -15.71 12.52 -29.55
N LEU A 208 -16.96 12.40 -29.98
CA LEU A 208 -17.42 13.18 -31.12
C LEU A 208 -17.64 14.64 -30.76
N PHE A 209 -18.01 14.93 -29.52
CA PHE A 209 -18.05 16.32 -29.07
C PHE A 209 -16.67 16.94 -29.20
N SER A 210 -15.64 16.24 -28.72
CA SER A 210 -14.29 16.77 -28.84
C SER A 210 -13.86 16.84 -30.30
N TYR A 211 -14.31 15.89 -31.11
CA TYR A 211 -14.00 15.91 -32.54
C TYR A 211 -14.55 17.17 -33.19
N ARG A 212 -15.83 17.44 -32.98
CA ARG A 212 -16.43 18.66 -33.49
C ARG A 212 -15.67 19.89 -33.03
N ASP A 213 -15.35 19.95 -31.74
CA ASP A 213 -14.70 21.14 -31.21
C ASP A 213 -13.32 21.34 -31.82
N VAL A 214 -12.52 20.27 -31.89
CA VAL A 214 -11.16 20.40 -32.37
C VAL A 214 -11.16 20.76 -33.85
N ASN A 215 -12.04 20.15 -34.64
CA ASN A 215 -12.08 20.49 -36.04
C ASN A 215 -12.59 21.91 -36.25
N SER A 216 -13.56 22.34 -35.45
CA SER A 216 -14.00 23.73 -35.53
C SER A 216 -12.86 24.68 -35.22
N TRP A 217 -12.04 24.35 -34.22
CA TRP A 217 -10.92 25.21 -33.88
C TRP A 217 -9.90 25.26 -35.02
N CYS A 218 -9.45 24.10 -35.47
CA CYS A 218 -8.44 24.05 -36.52
C CYS A 218 -8.98 24.46 -37.88
N ARG A 219 -10.28 24.70 -37.99
CA ARG A 219 -10.85 25.29 -39.19
C ARG A 219 -11.01 26.79 -39.08
N ARG A 220 -11.44 27.30 -37.93
CA ARG A 220 -11.42 28.75 -37.72
C ARG A 220 -10.01 29.29 -37.85
N ALA A 221 -9.03 28.56 -37.32
CA ALA A 221 -7.64 29.00 -37.42
C ALA A 221 -7.20 29.08 -38.88
N ARG A 222 -7.56 28.08 -39.68
CA ARG A 222 -7.18 28.12 -41.09
C ARG A 222 -7.90 29.25 -41.81
N ALA A 223 -9.18 29.44 -41.54
CA ALA A 223 -9.92 30.51 -42.17
C ALA A 223 -9.31 31.87 -41.84
N LYS A 224 -8.81 32.03 -40.62
CA LYS A 224 -8.13 33.27 -40.28
C LYS A 224 -6.80 33.40 -40.99
N ALA A 225 -5.91 32.41 -40.80
CA ALA A 225 -4.56 32.47 -41.36
C ALA A 225 -4.54 32.50 -42.88
N ALA A 226 -5.64 32.16 -43.55
CA ALA A 226 -5.69 32.28 -45.00
C ALA A 226 -5.65 33.73 -45.47
N SER A 227 -5.85 34.69 -44.58
CA SER A 227 -5.83 36.11 -44.89
C SER A 227 -4.90 36.85 -43.94
N ALA A 228 -3.70 36.30 -43.76
CA ALA A 228 -2.72 36.89 -42.87
C ALA A 228 -2.17 38.19 -43.43
N HIS A 239 5.43 13.51 -40.55
CA HIS A 239 5.45 14.73 -39.75
C HIS A 239 4.02 15.21 -39.46
N THR A 240 3.93 16.38 -38.83
CA THR A 240 2.66 16.98 -38.46
C THR A 240 1.69 16.97 -39.63
N VAL A 241 0.43 16.67 -39.33
CA VAL A 241 -0.65 16.74 -40.31
C VAL A 241 -1.41 18.04 -40.11
N SER A 242 -1.68 18.74 -41.21
CA SER A 242 -2.45 19.96 -41.13
C SER A 242 -3.92 19.62 -40.97
N TYR A 243 -4.77 20.64 -40.92
CA TYR A 243 -6.17 20.41 -40.60
C TYR A 243 -6.88 19.57 -41.67
N PRO A 244 -7.06 20.07 -42.90
CA PRO A 244 -7.99 19.39 -43.80
C PRO A 244 -7.53 18.03 -44.25
N ASP A 245 -6.33 17.60 -43.87
CA ASP A 245 -5.79 16.33 -44.30
C ASP A 245 -5.88 15.26 -43.23
N ASN A 246 -6.51 15.56 -42.09
CA ASN A 246 -6.72 14.60 -41.04
C ASN A 246 -8.09 13.96 -41.08
N LEU A 247 -8.96 14.40 -41.98
CA LEU A 247 -10.32 13.87 -42.10
C LEU A 247 -10.30 12.62 -42.98
N THR A 248 -9.82 11.54 -42.41
CA THR A 248 -9.77 10.25 -43.08
C THR A 248 -10.34 9.18 -42.16
N TYR A 249 -10.99 8.19 -42.76
CA TYR A 249 -11.62 7.15 -41.97
C TYR A 249 -10.62 6.44 -41.08
N ARG A 250 -9.40 6.24 -41.59
CA ARG A 250 -8.33 5.70 -40.75
C ARG A 250 -8.15 6.53 -39.50
N ASP A 251 -8.06 7.85 -39.68
CA ASP A 251 -7.84 8.75 -38.54
C ASP A 251 -9.02 8.70 -37.57
N LEU A 252 -10.23 8.85 -38.08
CA LEU A 252 -11.39 8.89 -37.21
C LEU A 252 -11.54 7.60 -36.44
N TYR A 253 -11.42 6.46 -37.10
CA TYR A 253 -11.61 5.19 -36.42
C TYR A 253 -10.41 4.77 -35.59
N TYR A 254 -9.27 5.45 -35.75
CA TYR A 254 -8.23 5.30 -34.75
C TYR A 254 -8.57 6.12 -33.52
N PHE A 255 -9.10 7.32 -33.72
CA PHE A 255 -9.49 8.15 -32.60
C PHE A 255 -10.60 7.49 -31.79
N LEU A 256 -11.55 6.86 -32.45
CA LEU A 256 -12.69 6.28 -31.75
C LEU A 256 -12.26 5.17 -30.81
N PHE A 257 -11.18 4.46 -31.14
CA PHE A 257 -10.68 3.39 -30.30
C PHE A 257 -9.48 3.82 -29.48
N ALA A 258 -9.19 5.08 -29.44
CA ALA A 258 -8.07 5.54 -28.64
C ALA A 258 -8.49 5.68 -27.18
N PRO A 259 -7.61 5.39 -26.26
CA PRO A 259 -7.94 5.58 -24.85
C PRO A 259 -7.91 7.05 -24.47
N THR A 260 -8.76 7.85 -25.09
CA THR A 260 -8.82 9.27 -24.80
C THR A 260 -10.18 9.79 -25.24
N LEU A 261 -10.56 10.91 -24.66
CA LEU A 261 -11.78 11.59 -25.07
C LEU A 261 -11.51 12.90 -25.77
N CYS A 262 -10.29 13.40 -25.74
CA CYS A 262 -9.95 14.66 -26.38
C CYS A 262 -9.33 14.36 -27.74
N TYR A 263 -10.00 14.79 -28.80
CA TYR A 263 -9.43 14.62 -30.13
C TYR A 263 -8.18 15.47 -30.27
N GLU A 264 -7.30 15.02 -31.15
CA GLU A 264 -6.06 15.74 -31.40
C GLU A 264 -5.44 15.26 -32.68
N LEU A 265 -5.12 16.18 -33.58
CA LEU A 265 -4.33 15.81 -34.74
C LEU A 265 -2.92 15.46 -34.26
N ASN A 266 -2.36 14.39 -34.81
CA ASN A 266 -1.03 13.93 -34.44
C ASN A 266 -0.99 13.53 -32.95
N PHE A 267 -1.71 12.47 -32.65
CA PHE A 267 -1.55 11.83 -31.36
C PHE A 267 -0.09 11.42 -31.18
N PRO A 268 0.43 11.46 -29.96
CA PRO A 268 1.72 10.84 -29.69
C PRO A 268 1.64 9.35 -29.98
N ARG A 269 2.80 8.73 -30.17
CA ARG A 269 2.82 7.34 -30.58
C ARG A 269 3.92 6.60 -29.83
N SER A 270 3.67 5.37 -29.55
CA SER A 270 4.69 4.54 -28.95
C SER A 270 5.57 3.91 -30.02
N PRO A 271 6.84 3.64 -29.70
CA PRO A 271 7.71 3.02 -30.71
C PRO A 271 7.22 1.66 -31.18
N ARG A 272 6.92 0.74 -30.27
CA ARG A 272 6.61 -0.62 -30.67
C ARG A 272 5.48 -1.16 -29.81
N ILE A 273 5.22 -2.46 -29.91
CA ILE A 273 4.01 -3.06 -29.36
C ILE A 273 4.30 -3.72 -28.02
N ARG A 274 5.54 -4.19 -27.81
CA ARG A 274 5.97 -4.70 -26.51
C ARG A 274 5.08 -5.86 -26.06
N LYS A 275 5.19 -6.96 -26.81
CA LYS A 275 4.36 -8.14 -26.54
C LYS A 275 4.34 -8.53 -25.08
N ARG A 276 5.44 -8.32 -24.37
CA ARG A 276 5.46 -8.66 -22.94
C ARG A 276 4.52 -7.77 -22.15
N PHE A 277 4.52 -6.47 -22.46
CA PHE A 277 3.62 -5.53 -21.79
C PHE A 277 2.17 -5.88 -22.07
N LEU A 278 1.84 -6.15 -23.34
CA LEU A 278 0.48 -6.50 -23.69
C LEU A 278 0.06 -7.80 -23.00
N LEU A 279 0.98 -8.75 -22.91
CA LEU A 279 0.66 -10.01 -22.24
C LEU A 279 0.39 -9.77 -20.76
N ARG A 280 1.20 -8.95 -20.11
CA ARG A 280 0.97 -8.67 -18.70
C ARG A 280 -0.34 -7.95 -18.49
N ARG A 281 -0.71 -7.07 -19.42
CA ARG A 281 -1.98 -6.37 -19.28
C ARG A 281 -3.15 -7.33 -19.43
N ILE A 282 -3.07 -8.23 -20.40
CA ILE A 282 -4.14 -9.21 -20.56
C ILE A 282 -4.22 -10.12 -19.35
N LEU A 283 -3.07 -10.50 -18.79
CA LEU A 283 -3.06 -11.31 -17.59
C LEU A 283 -3.70 -10.57 -16.43
N GLU A 284 -3.38 -9.29 -16.26
CA GLU A 284 -4.02 -8.51 -15.20
C GLU A 284 -5.52 -8.44 -15.40
N MET A 285 -5.97 -8.24 -16.63
CA MET A 285 -7.40 -8.17 -16.88
C MET A 285 -8.07 -9.49 -16.51
N LEU A 286 -7.49 -10.61 -16.92
CA LEU A 286 -8.08 -11.91 -16.61
C LEU A 286 -8.06 -12.17 -15.10
N PHE A 287 -6.92 -11.88 -14.46
CA PHE A 287 -6.78 -12.13 -13.03
C PHE A 287 -7.76 -11.31 -12.23
N PHE A 288 -7.85 -10.01 -12.52
CA PHE A 288 -8.73 -9.16 -11.73
C PHE A 288 -10.19 -9.37 -12.08
N THR A 289 -10.49 -9.86 -13.29
CA THR A 289 -11.85 -10.31 -13.56
C THR A 289 -12.22 -11.49 -12.68
N GLN A 290 -11.35 -12.49 -12.63
CA GLN A 290 -11.62 -13.63 -11.76
C GLN A 290 -11.67 -13.21 -10.29
N LEU A 291 -10.89 -12.20 -9.93
CA LEU A 291 -10.89 -11.74 -8.54
C LEU A 291 -12.19 -11.02 -8.21
N GLN A 292 -12.71 -10.22 -9.13
CA GLN A 292 -14.00 -9.57 -8.91
C GLN A 292 -15.11 -10.60 -8.82
N VAL A 293 -15.06 -11.62 -9.66
CA VAL A 293 -16.05 -12.68 -9.59
C VAL A 293 -16.00 -13.35 -8.23
N GLY A 294 -14.79 -13.66 -7.74
CA GLY A 294 -14.65 -14.20 -6.41
C GLY A 294 -15.26 -13.28 -5.35
N LEU A 295 -14.87 -12.02 -5.36
CA LEU A 295 -15.40 -11.04 -4.42
C LEU A 295 -16.93 -11.06 -4.40
N ILE A 296 -17.55 -10.84 -5.56
CA ILE A 296 -19.00 -10.81 -5.61
C ILE A 296 -19.58 -12.12 -5.10
N GLN A 297 -19.30 -13.22 -5.80
CA GLN A 297 -19.99 -14.47 -5.55
C GLN A 297 -19.69 -15.07 -4.19
N GLN A 298 -18.66 -14.61 -3.49
CA GLN A 298 -18.33 -15.23 -2.22
C GLN A 298 -18.32 -14.26 -1.04
N TRP A 299 -18.61 -12.98 -1.27
CA TRP A 299 -18.65 -12.05 -0.16
C TRP A 299 -19.93 -11.25 -0.17
N MET A 300 -20.47 -10.99 -1.36
CA MET A 300 -21.58 -10.06 -1.51
C MET A 300 -22.88 -10.75 -1.85
N VAL A 301 -22.87 -11.68 -2.81
CA VAL A 301 -24.08 -12.43 -3.11
C VAL A 301 -24.57 -13.21 -1.90
N PRO A 302 -23.73 -13.90 -1.13
CA PRO A 302 -24.23 -14.46 0.14
C PRO A 302 -24.82 -13.42 1.07
N THR A 303 -24.12 -12.31 1.29
CA THR A 303 -24.61 -11.30 2.22
C THR A 303 -25.94 -10.71 1.76
N ILE A 304 -26.12 -10.53 0.45
CA ILE A 304 -27.41 -10.03 -0.03
C ILE A 304 -28.48 -11.10 0.12
N GLN A 305 -28.13 -12.35 -0.16
CA GLN A 305 -29.13 -13.41 -0.10
C GLN A 305 -29.52 -13.76 1.33
N ASN A 306 -28.75 -13.33 2.32
CA ASN A 306 -29.17 -13.50 3.71
C ASN A 306 -30.48 -12.77 3.98
N SER A 307 -30.64 -11.58 3.42
CA SER A 307 -31.88 -10.81 3.55
C SER A 307 -32.19 -10.21 2.18
N MET A 308 -32.93 -10.95 1.36
CA MET A 308 -33.28 -10.51 0.03
C MET A 308 -34.50 -9.60 0.11
N LYS A 309 -34.24 -8.34 0.46
CA LYS A 309 -35.27 -7.34 0.58
C LYS A 309 -34.82 -6.09 -0.16
N PRO A 310 -35.64 -5.53 -1.04
CA PRO A 310 -35.22 -4.36 -1.82
C PRO A 310 -34.95 -3.17 -0.94
N PHE A 311 -33.99 -2.34 -1.37
CA PHE A 311 -33.69 -1.13 -0.64
C PHE A 311 -34.78 -0.09 -0.75
N LYS A 312 -35.59 -0.13 -1.81
CA LYS A 312 -36.64 0.85 -1.96
C LYS A 312 -37.77 0.64 -0.96
N ASP A 313 -37.87 -0.54 -0.36
CA ASP A 313 -38.92 -0.83 0.61
C ASP A 313 -38.42 -0.79 2.05
N MET A 314 -37.16 -1.11 2.29
CA MET A 314 -36.62 -1.06 3.63
C MET A 314 -36.60 0.37 4.16
N ASP A 315 -36.40 0.50 5.46
CA ASP A 315 -36.28 1.81 6.09
C ASP A 315 -34.81 2.20 6.21
N TYR A 316 -34.58 3.46 6.57
CA TYR A 316 -33.22 3.98 6.65
C TYR A 316 -32.38 3.15 7.62
N SER A 317 -32.97 2.74 8.73
CA SER A 317 -32.21 1.95 9.71
C SER A 317 -31.75 0.63 9.11
N ARG A 318 -32.68 -0.12 8.51
CA ARG A 318 -32.30 -1.40 7.91
C ARG A 318 -31.42 -1.21 6.69
N ILE A 319 -31.65 -0.15 5.92
CA ILE A 319 -30.77 0.16 4.79
C ILE A 319 -29.34 0.32 5.28
N ILE A 320 -29.15 1.08 6.35
CA ILE A 320 -27.79 1.30 6.85
C ILE A 320 -27.23 0.02 7.45
N GLU A 321 -28.08 -0.76 8.13
CA GLU A 321 -27.61 -2.01 8.70
C GLU A 321 -27.10 -2.97 7.64
N ARG A 322 -27.70 -2.93 6.45
CA ARG A 322 -27.27 -3.80 5.36
C ARG A 322 -26.09 -3.20 4.59
N LEU A 323 -26.07 -1.89 4.41
CA LEU A 323 -24.98 -1.25 3.69
C LEU A 323 -23.69 -1.31 4.48
N LEU A 324 -23.75 -1.31 5.81
CA LEU A 324 -22.53 -1.50 6.58
C LEU A 324 -21.95 -2.88 6.32
N LYS A 325 -22.79 -3.88 6.09
CA LYS A 325 -22.28 -5.20 5.77
C LYS A 325 -21.79 -5.29 4.34
N LEU A 326 -22.35 -4.48 3.45
CA LEU A 326 -22.03 -4.57 2.04
C LEU A 326 -20.94 -3.62 1.59
N ALA A 327 -20.54 -2.64 2.41
CA ALA A 327 -19.67 -1.57 1.93
C ALA A 327 -18.29 -2.08 1.56
N VAL A 328 -17.59 -2.72 2.49
CA VAL A 328 -16.20 -3.10 2.23
C VAL A 328 -16.05 -4.01 1.02
N PRO A 329 -16.88 -5.04 0.81
CA PRO A 329 -16.76 -5.78 -0.45
C PRO A 329 -17.04 -4.92 -1.66
N ASN A 330 -18.02 -4.03 -1.55
CA ASN A 330 -18.31 -3.12 -2.64
C ASN A 330 -17.12 -2.23 -2.93
N HIS A 331 -16.46 -1.75 -1.88
CA HIS A 331 -15.28 -0.91 -2.08
C HIS A 331 -14.16 -1.67 -2.74
N LEU A 332 -13.92 -2.91 -2.34
CA LEU A 332 -12.88 -3.69 -2.99
C LEU A 332 -13.21 -3.94 -4.45
N ILE A 333 -14.46 -4.22 -4.75
CA ILE A 333 -14.85 -4.43 -6.13
C ILE A 333 -14.63 -3.17 -6.94
N TRP A 334 -14.88 -2.01 -6.35
CA TRP A 334 -14.70 -0.78 -7.11
C TRP A 334 -13.24 -0.46 -7.30
N LEU A 335 -12.38 -0.75 -6.33
CA LEU A 335 -10.95 -0.60 -6.55
C LEU A 335 -10.47 -1.52 -7.67
N ILE A 336 -10.98 -2.74 -7.72
CA ILE A 336 -10.56 -3.64 -8.77
C ILE A 336 -11.12 -3.19 -10.13
N PHE A 337 -12.33 -2.64 -10.16
CA PHE A 337 -12.82 -2.02 -11.38
C PHE A 337 -11.87 -0.93 -11.83
N PHE A 338 -11.52 -0.02 -10.92
CA PHE A 338 -10.63 1.08 -11.30
C PHE A 338 -9.36 0.53 -11.90
N TYR A 339 -8.70 -0.39 -11.21
CA TYR A 339 -7.45 -0.90 -11.77
C TYR A 339 -7.70 -1.59 -13.09
N TRP A 340 -8.46 -2.68 -13.07
CA TRP A 340 -8.77 -3.49 -14.25
C TRP A 340 -9.15 -2.66 -15.47
N LEU A 341 -9.75 -1.49 -15.28
CA LEU A 341 -10.22 -0.70 -16.41
C LEU A 341 -9.27 0.45 -16.74
N PHE A 342 -9.01 1.33 -15.79
CA PHE A 342 -8.22 2.52 -16.06
C PHE A 342 -6.73 2.25 -16.14
N HIS A 343 -6.24 1.07 -15.76
CA HIS A 343 -4.86 0.75 -16.00
C HIS A 343 -4.73 -0.41 -16.97
N SER A 344 -5.28 -1.57 -16.65
CA SER A 344 -5.01 -2.76 -17.45
C SER A 344 -5.70 -2.69 -18.80
N CYS A 345 -7.01 -2.45 -18.81
CA CYS A 345 -7.73 -2.45 -20.09
C CYS A 345 -7.29 -1.29 -20.97
N LEU A 346 -7.17 -0.10 -20.40
CA LEU A 346 -6.80 1.05 -21.20
C LEU A 346 -5.36 0.94 -21.67
N ASN A 347 -4.47 0.33 -20.90
CA ASN A 347 -3.11 0.13 -21.35
C ASN A 347 -3.00 -0.96 -22.39
N ALA A 348 -3.81 -2.01 -22.29
CA ALA A 348 -3.86 -3.01 -23.35
C ALA A 348 -4.31 -2.38 -24.65
N VAL A 349 -5.36 -1.56 -24.59
CA VAL A 349 -5.82 -0.87 -25.80
C VAL A 349 -4.73 0.04 -26.34
N ALA A 350 -4.19 0.90 -25.48
CA ALA A 350 -3.17 1.85 -25.92
C ALA A 350 -1.92 1.16 -26.40
N GLU A 351 -1.70 -0.09 -26.02
CA GLU A 351 -0.51 -0.81 -26.48
C GLU A 351 -0.76 -1.51 -27.80
N LEU A 352 -1.94 -2.09 -27.99
CA LEU A 352 -2.29 -2.66 -29.28
C LEU A 352 -2.16 -1.61 -30.38
N MET A 353 -2.93 -0.55 -30.27
CA MET A 353 -2.80 0.60 -31.15
C MET A 353 -1.92 1.61 -30.44
N GLN A 354 -0.64 1.59 -30.77
CA GLN A 354 0.38 2.35 -30.05
C GLN A 354 -0.08 3.77 -29.81
N PHE A 355 -0.27 4.14 -28.55
CA PHE A 355 -0.86 5.43 -28.24
C PHE A 355 0.06 6.35 -27.46
N GLY A 356 0.84 5.81 -26.53
CA GLY A 356 1.94 6.55 -25.96
C GLY A 356 1.61 7.62 -24.95
N ASP A 357 0.38 8.11 -24.89
CA ASP A 357 0.08 9.11 -23.87
C ASP A 357 -0.12 8.46 -22.51
N ARG A 358 -1.15 7.64 -22.37
CA ARG A 358 -1.25 6.69 -21.26
C ARG A 358 -1.32 7.35 -19.89
N GLU A 359 -1.82 8.57 -19.79
CA GLU A 359 -2.15 9.11 -18.48
C GLU A 359 -3.65 9.03 -18.29
N PHE A 360 -4.11 7.86 -17.87
CA PHE A 360 -5.53 7.64 -17.67
C PHE A 360 -5.98 7.93 -16.25
N TYR A 361 -5.04 8.07 -15.32
CA TYR A 361 -5.38 8.42 -13.96
C TYR A 361 -4.21 9.13 -13.35
N ARG A 362 -4.47 9.82 -12.25
CA ARG A 362 -3.43 10.42 -11.46
C ARG A 362 -3.62 9.96 -10.03
N ASP A 363 -2.72 10.36 -9.15
CA ASP A 363 -2.68 9.79 -7.81
C ASP A 363 -3.88 10.33 -7.04
N TRP A 364 -5.03 9.73 -7.28
CA TRP A 364 -6.20 10.03 -6.50
C TRP A 364 -6.19 9.34 -5.15
N TRP A 365 -5.31 8.37 -4.95
CA TRP A 365 -5.28 7.68 -3.68
C TRP A 365 -4.68 8.55 -2.59
N ASN A 366 -3.67 9.32 -2.91
CA ASN A 366 -3.14 10.29 -1.94
C ASN A 366 -3.74 11.66 -2.18
N SER A 367 -5.06 11.70 -2.14
CA SER A 367 -5.83 12.91 -2.38
C SER A 367 -6.43 13.35 -1.06
N GLU A 368 -5.89 14.42 -0.48
CA GLU A 368 -6.36 14.86 0.82
C GLU A 368 -7.48 15.88 0.72
N SER A 369 -8.46 15.63 -0.13
CA SER A 369 -9.67 16.42 -0.28
C SER A 369 -10.51 15.75 -1.35
N VAL A 370 -11.82 15.97 -1.29
CA VAL A 370 -12.67 15.37 -2.31
C VAL A 370 -12.51 16.09 -3.64
N THR A 371 -12.28 17.39 -3.61
CA THR A 371 -12.10 18.13 -4.85
C THR A 371 -10.86 17.67 -5.59
N TYR A 372 -9.78 17.37 -4.87
CA TYR A 372 -8.62 16.81 -5.53
C TYR A 372 -8.87 15.39 -5.98
N PHE A 373 -9.77 14.68 -5.32
CA PHE A 373 -10.08 13.33 -5.78
C PHE A 373 -10.77 13.36 -7.13
N TRP A 374 -11.82 14.16 -7.26
CA TRP A 374 -12.55 14.18 -8.52
C TRP A 374 -11.66 14.63 -9.67
N GLN A 375 -10.75 15.56 -9.41
CA GLN A 375 -9.87 16.08 -10.44
C GLN A 375 -8.76 15.14 -10.85
N ASN A 376 -8.68 13.96 -10.24
CA ASN A 376 -7.61 13.03 -10.58
C ASN A 376 -8.09 11.61 -10.79
N TRP A 377 -9.23 11.23 -10.24
CA TRP A 377 -9.94 10.07 -10.72
C TRP A 377 -10.38 10.32 -12.15
N ASN A 378 -10.11 9.36 -13.06
CA ASN A 378 -10.61 9.44 -14.43
C ASN A 378 -10.09 10.70 -15.13
N ILE A 379 -8.78 10.70 -15.36
CA ILE A 379 -8.16 11.83 -16.06
C ILE A 379 -8.76 12.06 -17.44
N PRO A 380 -9.04 11.05 -18.27
CA PRO A 380 -9.62 11.36 -19.59
C PRO A 380 -10.88 12.17 -19.51
N VAL A 381 -11.87 11.69 -18.74
CA VAL A 381 -13.13 12.43 -18.62
C VAL A 381 -12.87 13.80 -18.02
N HIS A 382 -11.94 13.90 -17.09
CA HIS A 382 -11.74 15.19 -16.43
C HIS A 382 -11.13 16.21 -17.37
N LYS A 383 -10.18 15.80 -18.19
CA LYS A 383 -9.60 16.79 -19.09
C LYS A 383 -10.54 17.09 -20.24
N TRP A 384 -11.34 16.11 -20.69
CA TRP A 384 -12.42 16.42 -21.60
C TRP A 384 -13.33 17.48 -21.02
N CYS A 385 -13.73 17.30 -19.76
CA CYS A 385 -14.51 18.30 -19.07
C CYS A 385 -13.83 19.65 -19.11
N ILE A 386 -12.59 19.71 -18.61
CA ILE A 386 -11.93 20.97 -18.37
C ILE A 386 -11.65 21.72 -19.67
N ARG A 387 -11.55 21.03 -20.81
CA ARG A 387 -11.22 21.74 -22.04
C ARG A 387 -12.25 21.57 -23.13
N HIS A 388 -13.45 21.08 -22.80
CA HIS A 388 -14.55 21.13 -23.75
C HIS A 388 -15.87 21.53 -23.12
N PHE A 389 -15.97 21.62 -21.80
CA PHE A 389 -17.23 21.94 -21.14
C PHE A 389 -17.10 22.97 -20.03
N TYR A 390 -15.92 23.17 -19.45
CA TYR A 390 -15.74 24.14 -18.38
C TYR A 390 -15.02 25.39 -18.86
N LYS A 391 -13.87 25.25 -19.50
CA LYS A 391 -13.22 26.41 -20.09
C LYS A 391 -14.09 27.11 -21.13
N PRO A 392 -14.80 26.42 -22.03
CA PRO A 392 -15.70 27.14 -22.94
C PRO A 392 -16.79 27.91 -22.22
N MET A 393 -17.35 27.38 -21.12
CA MET A 393 -18.36 28.13 -20.40
C MET A 393 -17.78 29.39 -19.80
N LEU A 394 -16.54 29.33 -19.29
CA LEU A 394 -15.89 30.53 -18.80
C LEU A 394 -15.65 31.52 -19.94
N ARG A 395 -15.27 31.01 -21.12
CA ARG A 395 -15.11 31.86 -22.28
C ARG A 395 -16.46 32.36 -22.77
N ARG A 396 -17.33 31.42 -23.17
CA ARG A 396 -18.66 31.77 -23.67
C ARG A 396 -19.59 32.10 -22.51
N GLY A 397 -19.22 33.13 -21.76
CA GLY A 397 -20.00 33.54 -20.62
C GLY A 397 -19.18 33.85 -19.39
N SER A 398 -19.74 33.58 -18.22
CA SER A 398 -19.14 34.00 -16.97
C SER A 398 -19.55 33.02 -15.87
N SER A 399 -19.44 33.46 -14.62
CA SER A 399 -19.97 32.77 -13.44
C SER A 399 -19.34 31.40 -13.27
N LYS A 400 -18.05 31.42 -12.93
CA LYS A 400 -17.30 30.23 -12.56
C LYS A 400 -18.13 29.30 -11.69
N TRP A 401 -18.90 29.86 -10.76
CA TRP A 401 -19.84 29.06 -9.98
C TRP A 401 -20.81 28.30 -10.89
N MET A 402 -21.35 28.98 -11.91
CA MET A 402 -22.27 28.31 -12.81
C MET A 402 -21.57 27.26 -13.65
N ALA A 403 -20.30 27.49 -14.02
CA ALA A 403 -19.56 26.47 -14.75
C ALA A 403 -19.36 25.23 -13.89
N ARG A 404 -18.98 25.41 -12.63
CA ARG A 404 -18.79 24.27 -11.75
C ARG A 404 -20.10 23.52 -11.53
N THR A 405 -21.20 24.25 -11.34
CA THR A 405 -22.46 23.54 -11.12
C THR A 405 -22.96 22.88 -12.38
N GLY A 406 -22.61 23.42 -13.56
CA GLY A 406 -22.95 22.73 -14.80
C GLY A 406 -22.14 21.46 -14.96
N VAL A 407 -20.88 21.48 -14.57
CA VAL A 407 -20.08 20.27 -14.58
C VAL A 407 -20.68 19.23 -13.64
N PHE A 408 -21.08 19.67 -12.44
CA PHE A 408 -21.72 18.75 -11.51
C PHE A 408 -22.98 18.15 -12.12
N LEU A 409 -23.81 18.98 -12.74
CA LEU A 409 -25.05 18.50 -13.33
C LEU A 409 -24.78 17.49 -14.43
N ALA A 410 -23.81 17.77 -15.30
CA ALA A 410 -23.52 16.85 -16.39
C ALA A 410 -22.99 15.53 -15.85
N SER A 411 -22.11 15.58 -14.85
CA SER A 411 -21.58 14.35 -14.30
C SER A 411 -22.68 13.53 -13.65
N ALA A 412 -23.57 14.18 -12.90
CA ALA A 412 -24.65 13.44 -12.26
C ALA A 412 -25.61 12.86 -13.28
N PHE A 413 -25.91 13.62 -14.33
CA PHE A 413 -26.76 13.10 -15.39
C PHE A 413 -26.15 11.86 -16.00
N PHE A 414 -24.87 11.92 -16.36
CA PHE A 414 -24.26 10.77 -16.99
C PHE A 414 -24.16 9.60 -16.04
N HIS A 415 -23.97 9.84 -14.75
CA HIS A 415 -23.93 8.75 -13.80
C HIS A 415 -25.29 8.07 -13.70
N GLU A 416 -26.35 8.84 -13.47
CA GLU A 416 -27.67 8.23 -13.38
C GLU A 416 -28.15 7.69 -14.71
N TYR A 417 -27.53 8.10 -15.81
CA TYR A 417 -27.90 7.58 -17.12
C TYR A 417 -27.16 6.29 -17.42
N LEU A 418 -25.98 6.11 -16.84
CA LEU A 418 -25.26 4.87 -17.01
C LEU A 418 -25.70 3.81 -16.03
N VAL A 419 -26.15 4.19 -14.83
CA VAL A 419 -26.42 3.19 -13.81
C VAL A 419 -27.91 2.86 -13.78
N SER A 420 -28.75 3.82 -14.15
CA SER A 420 -30.18 3.63 -13.93
C SER A 420 -30.96 3.33 -15.19
N VAL A 421 -30.41 3.56 -16.37
CA VAL A 421 -31.11 3.18 -17.58
C VAL A 421 -30.92 1.68 -17.85
N PRO A 422 -29.72 1.12 -17.68
CA PRO A 422 -29.61 -0.34 -17.81
C PRO A 422 -30.45 -1.09 -16.81
N LEU A 423 -30.46 -0.66 -15.56
CA LEU A 423 -31.26 -1.31 -14.54
C LEU A 423 -32.72 -0.87 -14.56
N ARG A 424 -33.08 0.01 -15.48
CA ARG A 424 -34.46 0.42 -15.69
C ARG A 424 -35.07 1.10 -14.46
N MET A 425 -34.29 1.29 -13.42
CA MET A 425 -34.74 1.99 -12.23
C MET A 425 -34.52 3.48 -12.39
N PHE A 426 -35.30 4.26 -11.65
CA PHE A 426 -35.10 5.70 -11.63
C PHE A 426 -35.32 6.24 -10.24
N ARG A 427 -34.78 5.56 -9.22
CA ARG A 427 -34.96 6.02 -7.86
C ARG A 427 -34.18 7.30 -7.56
N LEU A 428 -33.45 7.83 -8.53
CA LEU A 428 -32.67 9.05 -8.35
C LEU A 428 -31.79 8.96 -7.11
N TRP A 429 -31.07 7.85 -7.00
CA TRP A 429 -30.14 7.65 -5.91
C TRP A 429 -28.74 8.10 -6.27
N ALA A 430 -28.27 7.75 -7.47
CA ALA A 430 -26.96 8.21 -7.91
C ALA A 430 -26.89 9.71 -7.91
N PHE A 431 -27.98 10.38 -8.28
CA PHE A 431 -28.00 11.83 -8.25
C PHE A 431 -27.91 12.37 -6.83
N THR A 432 -28.65 11.78 -5.90
CA THR A 432 -28.61 12.27 -4.53
C THR A 432 -27.24 12.04 -3.90
N GLY A 433 -26.59 10.93 -4.25
CA GLY A 433 -25.23 10.71 -3.78
C GLY A 433 -24.25 11.70 -4.38
N MET A 434 -24.37 11.95 -5.68
CA MET A 434 -23.52 12.95 -6.32
C MET A 434 -23.72 14.32 -5.68
N MET A 435 -24.97 14.63 -5.29
CA MET A 435 -25.22 15.86 -4.55
C MET A 435 -24.51 15.84 -3.20
N ALA A 436 -24.83 14.85 -2.37
CA ALA A 436 -24.24 14.75 -1.04
C ALA A 436 -22.72 14.77 -1.07
N GLN A 437 -22.11 14.48 -2.22
CA GLN A 437 -20.67 14.67 -2.34
C GLN A 437 -20.26 16.12 -2.08
N ILE A 438 -21.15 17.08 -2.36
CA ILE A 438 -20.83 18.50 -2.23
C ILE A 438 -20.67 18.89 -0.77
N PRO A 439 -21.67 18.70 0.10
CA PRO A 439 -21.45 19.03 1.51
C PRO A 439 -20.33 18.21 2.12
N LEU A 440 -20.22 16.95 1.70
CA LEU A 440 -19.13 16.11 2.17
C LEU A 440 -17.79 16.66 1.72
N ALA A 441 -17.70 17.17 0.50
CA ALA A 441 -16.45 17.75 0.04
C ALA A 441 -16.09 18.97 0.85
N TRP A 442 -17.05 19.85 1.11
CA TRP A 442 -16.77 21.01 1.95
C TRP A 442 -16.33 20.58 3.34
N PHE A 443 -17.01 19.59 3.92
CA PHE A 443 -16.69 19.12 5.25
C PHE A 443 -15.26 18.59 5.32
N VAL A 444 -14.92 17.66 4.44
CA VAL A 444 -13.59 17.06 4.46
C VAL A 444 -12.52 18.10 4.14
N GLY A 445 -12.81 19.05 3.26
CA GLY A 445 -11.84 20.08 2.96
C GLY A 445 -11.60 21.03 4.12
N ARG A 446 -12.64 21.29 4.92
CA ARG A 446 -12.49 22.26 6.00
C ARG A 446 -11.86 21.63 7.23
N PHE A 447 -12.29 20.42 7.61
CA PHE A 447 -11.91 19.92 8.92
C PHE A 447 -10.59 19.17 8.91
N PHE A 448 -10.42 18.22 8.00
CA PHE A 448 -9.27 17.33 8.01
C PHE A 448 -8.17 17.83 7.09
N GLN A 449 -6.94 17.44 7.40
CA GLN A 449 -5.78 17.87 6.65
C GLN A 449 -4.81 16.71 6.49
N GLY A 450 -4.02 16.75 5.43
CA GLY A 450 -2.94 15.79 5.28
C GLY A 450 -3.44 14.37 5.25
N ASN A 451 -2.82 13.51 6.05
CA ASN A 451 -3.18 12.10 6.02
C ASN A 451 -4.55 11.87 6.64
N TYR A 452 -4.98 12.73 7.57
CA TYR A 452 -6.35 12.59 8.06
C TYR A 452 -7.35 13.02 7.00
N GLY A 453 -7.02 14.01 6.19
CA GLY A 453 -7.87 14.32 5.06
C GLY A 453 -7.92 13.20 4.06
N ASN A 454 -6.79 12.52 3.85
CA ASN A 454 -6.78 11.39 2.93
C ASN A 454 -7.59 10.23 3.47
N ALA A 455 -7.54 9.99 4.78
CA ALA A 455 -8.39 8.96 5.36
C ALA A 455 -9.86 9.37 5.28
N ALA A 456 -10.16 10.66 5.41
CA ALA A 456 -11.52 11.11 5.22
C ALA A 456 -12.00 10.87 3.80
N VAL A 457 -11.11 11.04 2.82
CA VAL A 457 -11.49 10.76 1.44
C VAL A 457 -11.67 9.26 1.23
N TRP A 458 -10.86 8.45 1.89
CA TRP A 458 -11.05 7.01 1.75
C TRP A 458 -12.38 6.59 2.34
N LEU A 459 -12.77 7.18 3.47
CA LEU A 459 -14.12 6.97 3.96
C LEU A 459 -15.15 7.42 2.93
N SER A 460 -14.99 8.64 2.41
CA SER A 460 -15.86 9.18 1.39
C SER A 460 -15.92 8.35 0.13
N LEU A 461 -15.02 7.40 -0.05
CA LEU A 461 -15.15 6.45 -1.15
C LEU A 461 -15.72 5.12 -0.71
N ILE A 462 -15.55 4.77 0.56
CA ILE A 462 -16.10 3.50 1.02
C ILE A 462 -17.61 3.59 1.12
N ILE A 463 -18.14 4.70 1.61
CA ILE A 463 -19.58 4.88 1.61
C ILE A 463 -19.98 5.77 0.43
N GLY A 464 -19.65 7.04 0.47
CA GLY A 464 -19.62 7.90 -0.70
C GLY A 464 -20.60 7.67 -1.82
N GLN A 465 -20.09 7.69 -3.04
CA GLN A 465 -20.82 7.47 -4.28
C GLN A 465 -21.01 6.00 -4.63
N PRO A 466 -19.99 5.13 -4.49
CA PRO A 466 -20.19 3.73 -4.88
C PRO A 466 -21.35 3.05 -4.20
N ILE A 467 -21.79 3.54 -3.03
CA ILE A 467 -22.93 2.94 -2.37
C ILE A 467 -24.20 3.18 -3.15
N ALA A 468 -24.29 4.27 -3.90
CA ALA A 468 -25.48 4.48 -4.73
C ALA A 468 -25.58 3.42 -5.81
N VAL A 469 -24.48 3.17 -6.53
CA VAL A 469 -24.49 2.11 -7.53
C VAL A 469 -24.73 0.76 -6.88
N LEU A 470 -24.22 0.57 -5.66
CA LEU A 470 -24.47 -0.67 -4.95
C LEU A 470 -25.95 -0.82 -4.64
N MET A 471 -26.61 0.26 -4.25
CA MET A 471 -28.05 0.19 -3.98
C MET A 471 -28.81 -0.18 -5.24
N TYR A 472 -28.47 0.45 -6.36
CA TYR A 472 -29.13 0.11 -7.62
C TYR A 472 -28.96 -1.37 -7.93
N VAL A 473 -27.73 -1.87 -7.86
CA VAL A 473 -27.50 -3.26 -8.23
C VAL A 473 -28.12 -4.22 -7.23
N HIS A 474 -28.14 -3.84 -5.95
CA HIS A 474 -28.77 -4.69 -4.94
C HIS A 474 -30.27 -4.81 -5.18
N ASP A 475 -30.92 -3.68 -5.48
CA ASP A 475 -32.34 -3.74 -5.82
C ASP A 475 -32.57 -4.58 -7.06
N TYR A 476 -31.71 -4.44 -8.07
CA TYR A 476 -31.93 -5.23 -9.26
C TYR A 476 -31.63 -6.70 -9.03
N TYR A 477 -30.82 -7.04 -8.05
CA TYR A 477 -30.56 -8.43 -7.77
C TYR A 477 -31.70 -9.07 -7.00
N VAL A 478 -32.16 -8.39 -5.94
CA VAL A 478 -33.20 -8.99 -5.12
C VAL A 478 -34.57 -8.94 -5.78
N LEU A 479 -34.77 -8.08 -6.77
CA LEU A 479 -36.03 -8.03 -7.47
C LEU A 479 -36.11 -9.01 -8.62
N ASN A 480 -35.04 -9.75 -8.89
CA ASN A 480 -35.07 -10.71 -9.98
C ASN A 480 -34.79 -12.14 -9.54
N TYR A 481 -33.73 -12.37 -8.77
CA TYR A 481 -33.34 -13.73 -8.41
C TYR A 481 -33.34 -13.93 -6.90
N LEU B 66 -1.63 24.41 -25.08
CA LEU B 66 -0.42 23.86 -25.67
C LEU B 66 -0.76 22.60 -26.46
N ARG B 67 -0.30 21.45 -25.94
CA ARG B 67 -0.61 20.13 -26.52
C ARG B 67 -1.21 19.29 -25.41
N CYS B 68 -2.47 18.89 -25.56
CA CYS B 68 -3.15 18.20 -24.49
C CYS B 68 -2.65 16.77 -24.27
N HIS B 69 -1.81 16.25 -25.16
CA HIS B 69 -1.36 14.86 -25.08
C HIS B 69 0.15 14.81 -25.12
N ARG B 70 0.76 14.40 -24.02
CA ARG B 70 2.19 14.16 -23.97
C ARG B 70 2.45 12.69 -24.30
N LEU B 71 3.67 12.23 -24.06
CA LEU B 71 4.04 10.84 -24.26
C LEU B 71 4.56 10.34 -22.92
N GLN B 72 3.67 9.77 -22.11
CA GLN B 72 4.02 9.37 -20.76
C GLN B 72 3.49 7.97 -20.43
N ASP B 73 3.57 7.58 -19.16
CA ASP B 73 3.17 6.25 -18.74
C ASP B 73 2.21 6.33 -17.57
N SER B 74 1.44 5.27 -17.40
CA SER B 74 0.51 5.22 -16.29
C SER B 74 1.27 5.16 -14.98
N LEU B 75 0.68 5.71 -13.93
CA LEU B 75 1.39 5.82 -12.67
C LEU B 75 1.70 4.45 -12.07
N PHE B 76 0.83 3.48 -12.24
CA PHE B 76 1.08 2.16 -11.70
C PHE B 76 2.09 1.36 -12.51
N SER B 77 2.55 1.88 -13.63
CA SER B 77 3.48 1.12 -14.47
C SER B 77 4.87 1.13 -13.86
N SER B 78 5.64 0.11 -14.21
CA SER B 78 6.99 -0.01 -13.66
C SER B 78 7.87 1.12 -14.15
N ASP B 79 7.89 1.33 -15.45
CA ASP B 79 8.79 2.31 -16.06
C ASP B 79 8.31 3.74 -15.91
N SER B 80 7.36 3.99 -15.00
CA SER B 80 6.90 5.36 -14.78
C SER B 80 7.68 6.05 -13.68
N GLY B 81 8.03 5.31 -12.63
CA GLY B 81 8.76 5.90 -11.53
C GLY B 81 7.95 6.94 -10.79
N PHE B 82 6.74 6.59 -10.38
CA PHE B 82 5.92 7.55 -9.65
C PHE B 82 6.29 7.56 -8.17
N SER B 83 6.05 6.44 -7.48
CA SER B 83 6.44 6.25 -6.09
C SER B 83 5.99 7.42 -5.21
N ASN B 84 4.67 7.58 -5.10
CA ASN B 84 4.06 8.50 -4.14
C ASN B 84 2.82 7.85 -3.56
N TYR B 85 2.93 6.59 -3.17
CA TYR B 85 1.79 5.79 -2.77
C TYR B 85 1.44 5.94 -1.31
N ARG B 86 1.76 7.07 -0.69
CA ARG B 86 1.27 7.32 0.66
C ARG B 86 -0.22 7.58 0.57
N GLY B 87 -1.01 6.57 0.88
CA GLY B 87 -2.42 6.63 0.62
C GLY B 87 -2.85 5.23 0.29
N ILE B 88 -1.87 4.41 -0.09
CA ILE B 88 -2.04 2.97 0.06
C ILE B 88 -1.71 2.56 1.48
N LEU B 89 -1.05 3.43 2.24
CA LEU B 89 -0.90 3.22 3.67
C LEU B 89 -2.12 3.71 4.42
N ASN B 90 -2.54 4.94 4.18
CA ASN B 90 -3.76 5.43 4.80
C ASN B 90 -4.93 4.53 4.48
N TRP B 91 -4.92 3.87 3.32
CA TRP B 91 -5.99 2.94 3.03
C TRP B 91 -5.91 1.72 3.95
N CYS B 92 -4.72 1.19 4.18
CA CYS B 92 -4.59 0.05 5.07
C CYS B 92 -4.97 0.42 6.49
N VAL B 93 -4.65 1.64 6.92
CA VAL B 93 -5.07 2.08 8.24
C VAL B 93 -6.58 2.21 8.30
N VAL B 94 -7.19 2.83 7.30
CA VAL B 94 -8.64 2.98 7.29
C VAL B 94 -9.33 1.63 7.32
N MET B 95 -8.81 0.66 6.57
CA MET B 95 -9.47 -0.63 6.51
C MET B 95 -9.23 -1.44 7.78
N LEU B 96 -8.03 -1.40 8.34
CA LEU B 96 -7.79 -2.07 9.61
C LEU B 96 -8.70 -1.49 10.68
N ILE B 97 -8.87 -0.18 10.71
CA ILE B 97 -9.75 0.43 11.70
C ILE B 97 -11.20 0.04 11.43
N LEU B 98 -11.65 0.13 10.19
CA LEU B 98 -13.03 -0.24 9.90
C LEU B 98 -13.30 -1.70 10.22
N SER B 99 -12.29 -2.55 10.18
CA SER B 99 -12.51 -3.96 10.41
C SER B 99 -12.31 -4.37 11.87
N ASN B 100 -11.57 -3.60 12.65
CA ASN B 100 -11.27 -3.99 14.02
C ASN B 100 -11.66 -2.96 15.05
N ALA B 101 -12.37 -1.89 14.68
CA ALA B 101 -12.59 -0.82 15.64
C ALA B 101 -13.64 -1.19 16.67
N ARG B 102 -14.73 -1.83 16.26
CA ARG B 102 -15.73 -2.25 17.24
C ARG B 102 -15.10 -3.18 18.26
N LEU B 103 -14.40 -4.21 17.78
CA LEU B 103 -13.76 -5.15 18.68
C LEU B 103 -12.67 -4.49 19.51
N PHE B 104 -12.02 -3.45 18.98
CA PHE B 104 -10.97 -2.78 19.72
C PHE B 104 -11.53 -1.93 20.84
N LEU B 105 -12.60 -1.19 20.58
CA LEU B 105 -13.27 -0.48 21.67
C LEU B 105 -13.80 -1.45 22.71
N GLU B 106 -14.33 -2.59 22.27
CA GLU B 106 -14.81 -3.59 23.21
C GLU B 106 -13.69 -4.10 24.10
N ASN B 107 -12.59 -4.56 23.50
CA ASN B 107 -11.47 -5.07 24.27
C ASN B 107 -10.75 -3.99 25.05
N LEU B 108 -10.92 -2.72 24.66
CA LEU B 108 -10.29 -1.65 25.43
C LEU B 108 -11.09 -1.31 26.67
N ILE B 109 -12.42 -1.27 26.55
CA ILE B 109 -13.23 -1.06 27.75
C ILE B 109 -13.16 -2.29 28.65
N LYS B 110 -13.04 -3.48 28.06
CA LYS B 110 -13.02 -4.70 28.86
C LYS B 110 -11.66 -4.96 29.51
N TYR B 111 -10.58 -4.58 28.85
CA TYR B 111 -9.25 -4.75 29.43
C TYR B 111 -8.70 -3.48 30.07
N GLY B 112 -9.05 -2.32 29.54
CA GLY B 112 -8.60 -1.08 30.15
C GLY B 112 -9.24 -0.76 31.47
N ILE B 113 -10.39 -1.38 31.77
CA ILE B 113 -11.06 -1.18 33.06
C ILE B 113 -10.33 -1.88 34.20
N LEU B 114 -9.33 -2.69 33.89
CA LEU B 114 -8.63 -3.44 34.92
C LEU B 114 -7.74 -2.52 35.75
N VAL B 115 -7.22 -3.09 36.84
CA VAL B 115 -6.39 -2.36 37.80
C VAL B 115 -4.94 -2.82 37.65
N ASP B 116 -4.58 -3.22 36.43
CA ASP B 116 -3.23 -3.67 36.09
C ASP B 116 -2.08 -2.85 36.68
N PRO B 117 -2.03 -1.50 36.54
CA PRO B 117 -0.75 -0.78 36.75
C PRO B 117 -0.07 -1.02 38.08
N ILE B 118 -0.76 -0.71 39.19
CA ILE B 118 -0.14 -0.77 40.50
C ILE B 118 -0.35 -2.10 41.19
N GLN B 119 -1.19 -2.97 40.64
CA GLN B 119 -1.38 -4.28 41.26
C GLN B 119 -0.31 -5.27 40.83
N VAL B 120 0.10 -5.24 39.56
CA VAL B 120 1.12 -6.18 39.11
C VAL B 120 2.48 -5.82 39.69
N VAL B 121 2.77 -4.53 39.83
CA VAL B 121 4.04 -4.12 40.42
C VAL B 121 4.12 -4.52 41.89
N SER B 122 3.04 -4.28 42.64
CA SER B 122 3.01 -4.70 44.03
C SER B 122 3.08 -6.22 44.15
N LEU B 123 2.46 -6.92 43.20
CA LEU B 123 2.50 -8.38 43.24
C LEU B 123 3.92 -8.89 42.99
N PHE B 124 4.63 -8.28 42.05
CA PHE B 124 6.03 -8.65 41.83
C PHE B 124 6.88 -8.32 43.04
N LEU B 125 6.67 -7.13 43.62
CA LEU B 125 7.41 -6.76 44.82
C LEU B 125 7.07 -7.62 46.02
N LYS B 126 5.93 -8.32 45.97
CA LYS B 126 5.59 -9.23 47.05
C LYS B 126 6.58 -10.40 47.12
N ASP B 127 6.99 -10.91 45.95
CA ASP B 127 7.91 -12.05 45.89
C ASP B 127 8.99 -11.82 44.85
N PRO B 128 9.94 -10.93 45.12
CA PRO B 128 11.19 -10.95 44.36
C PRO B 128 11.90 -12.29 44.56
N TYR B 129 12.89 -12.53 43.70
CA TYR B 129 13.53 -13.82 43.47
C TYR B 129 12.58 -14.79 42.79
N SER B 130 11.32 -14.42 42.60
CA SER B 130 10.39 -15.09 41.73
C SER B 130 10.09 -14.16 40.57
N TRP B 131 9.42 -14.70 39.55
CA TRP B 131 9.32 -14.02 38.27
C TRP B 131 10.74 -13.68 37.81
N PRO B 132 11.56 -14.68 37.46
CA PRO B 132 12.98 -14.41 37.22
C PRO B 132 13.25 -13.53 36.02
N ALA B 133 12.29 -13.32 35.12
CA ALA B 133 12.57 -12.47 33.96
C ALA B 133 12.65 -11.00 34.33
N PRO B 134 11.67 -10.41 35.03
CA PRO B 134 11.91 -9.05 35.55
C PRO B 134 13.08 -9.00 36.50
N CYS B 135 13.35 -10.07 37.24
CA CYS B 135 14.55 -10.09 38.08
C CYS B 135 15.80 -9.91 37.24
N LEU B 136 15.90 -10.61 36.13
CA LEU B 136 17.03 -10.46 35.22
C LEU B 136 17.11 -9.05 34.67
N VAL B 137 15.97 -8.53 34.23
CA VAL B 137 15.97 -7.20 33.60
C VAL B 137 16.42 -6.15 34.60
N ILE B 138 16.04 -6.31 35.87
CA ILE B 138 16.47 -5.37 36.90
C ILE B 138 17.94 -5.58 37.23
N ALA B 139 18.41 -6.83 37.22
CA ALA B 139 19.81 -7.09 37.51
C ALA B 139 20.73 -6.57 36.42
N ALA B 140 20.21 -6.35 35.21
CA ALA B 140 21.01 -5.73 34.16
C ALA B 140 21.58 -4.39 34.59
N ASN B 141 20.95 -3.71 35.54
CA ASN B 141 21.49 -2.46 36.04
C ASN B 141 22.87 -2.66 36.65
N VAL B 142 23.15 -3.86 37.15
CA VAL B 142 24.47 -4.13 37.70
C VAL B 142 25.53 -4.01 36.62
N PHE B 143 25.27 -4.60 35.45
CA PHE B 143 26.22 -4.50 34.36
C PHE B 143 26.31 -3.08 33.84
N ALA B 144 25.18 -2.38 33.78
CA ALA B 144 25.21 -0.98 33.40
C ALA B 144 26.14 -0.18 34.30
N VAL B 145 25.92 -0.29 35.61
CA VAL B 145 26.71 0.46 36.57
C VAL B 145 28.16 0.01 36.54
N ALA B 146 28.41 -1.27 36.29
CA ALA B 146 29.80 -1.73 36.25
C ALA B 146 30.54 -1.13 35.06
N ALA B 147 29.89 -1.06 33.90
CA ALA B 147 30.52 -0.40 32.76
C ALA B 147 30.74 1.09 33.05
N PHE B 148 29.72 1.74 33.61
CA PHE B 148 29.89 3.15 33.95
C PHE B 148 31.02 3.34 34.95
N GLN B 149 31.21 2.39 35.86
CA GLN B 149 32.22 2.54 36.89
C GLN B 149 33.61 2.36 36.31
N VAL B 150 33.81 1.34 35.48
CA VAL B 150 35.13 1.18 34.88
C VAL B 150 35.44 2.36 33.97
N GLU B 151 34.42 2.93 33.31
CA GLU B 151 34.66 4.10 32.49
C GLU B 151 35.04 5.30 33.34
N LYS B 152 34.17 5.71 34.26
CA LYS B 152 34.44 6.87 35.10
C LYS B 152 35.67 6.68 35.96
N ARG B 153 36.14 5.46 36.14
CA ARG B 153 37.38 5.23 36.88
C ARG B 153 38.60 5.37 35.98
N LEU B 154 38.56 4.79 34.78
CA LEU B 154 39.67 5.02 33.86
C LEU B 154 39.59 6.37 33.18
N ALA B 155 38.56 7.16 33.48
CA ALA B 155 38.46 8.49 32.89
C ALA B 155 39.54 9.42 33.40
N VAL B 156 40.06 9.17 34.61
CA VAL B 156 41.02 10.09 35.18
C VAL B 156 42.41 9.49 35.30
N GLY B 157 42.59 8.46 36.12
CA GLY B 157 43.94 8.00 36.35
C GLY B 157 44.24 6.52 36.29
N ALA B 158 43.24 5.68 36.49
CA ALA B 158 43.50 4.28 36.77
C ALA B 158 43.14 3.42 35.56
N LEU B 159 43.53 2.15 35.64
CA LEU B 159 43.19 1.14 34.63
C LEU B 159 43.69 1.56 33.24
N THR B 160 45.01 1.51 33.10
CA THR B 160 45.63 1.66 31.77
C THR B 160 44.84 0.88 30.73
N GLU B 161 44.76 1.40 29.51
CA GLU B 161 43.81 0.97 28.48
C GLU B 161 43.64 -0.54 28.40
N GLN B 162 44.72 -1.29 28.61
CA GLN B 162 44.61 -2.75 28.60
C GLN B 162 43.70 -3.23 29.71
N ALA B 163 43.89 -2.72 30.93
CA ALA B 163 43.08 -3.15 32.05
C ALA B 163 41.62 -2.77 31.87
N GLY B 164 41.36 -1.54 31.42
CA GLY B 164 39.99 -1.12 31.19
C GLY B 164 39.33 -1.93 30.09
N LEU B 165 40.06 -2.22 29.02
CA LEU B 165 39.51 -3.03 27.95
C LEU B 165 39.19 -4.44 28.44
N LEU B 166 40.03 -4.99 29.32
CA LEU B 166 39.73 -6.31 29.87
C LEU B 166 38.50 -6.28 30.76
N LEU B 167 38.39 -5.25 31.61
CA LEU B 167 37.19 -5.12 32.44
C LEU B 167 35.95 -5.00 31.59
N HIS B 168 36.01 -4.25 30.50
CA HIS B 168 34.84 -4.09 29.66
C HIS B 168 34.51 -5.35 28.89
N VAL B 169 35.53 -6.09 28.44
CA VAL B 169 35.26 -7.35 27.75
C VAL B 169 34.66 -8.35 28.72
N ALA B 170 35.14 -8.39 29.96
CA ALA B 170 34.52 -9.24 30.96
C ALA B 170 33.07 -8.85 31.19
N ASN B 171 32.80 -7.55 31.31
CA ASN B 171 31.45 -7.09 31.53
C ASN B 171 30.54 -7.47 30.36
N LEU B 172 31.03 -7.33 29.13
CA LEU B 172 30.21 -7.65 27.97
C LEU B 172 29.93 -9.14 27.88
N ALA B 173 30.98 -9.96 27.97
CA ALA B 173 30.77 -11.40 27.95
C ALA B 173 29.86 -11.85 29.08
N THR B 174 29.89 -11.14 30.21
CA THR B 174 28.98 -11.50 31.29
C THR B 174 27.56 -11.11 30.96
N ILE B 175 27.37 -9.93 30.36
CA ILE B 175 26.04 -9.53 29.90
C ILE B 175 25.47 -10.58 28.96
N LEU B 176 26.32 -11.21 28.17
CA LEU B 176 25.79 -12.18 27.22
C LEU B 176 25.57 -13.55 27.85
N CYS B 177 26.46 -13.99 28.73
CA CYS B 177 26.41 -15.36 29.24
C CYS B 177 25.66 -15.51 30.54
N PHE B 178 25.33 -14.43 31.24
CA PHE B 178 24.63 -14.57 32.50
C PHE B 178 23.13 -14.79 32.30
N PRO B 179 22.43 -13.99 31.50
CA PRO B 179 21.00 -14.23 31.33
C PRO B 179 20.71 -15.52 30.60
N ALA B 180 21.57 -15.92 29.65
CA ALA B 180 21.43 -17.24 29.07
C ALA B 180 21.50 -18.31 30.16
N ALA B 181 22.44 -18.18 31.08
CA ALA B 181 22.56 -19.17 32.15
C ALA B 181 21.32 -19.18 33.02
N VAL B 182 20.88 -18.01 33.48
CA VAL B 182 19.71 -17.95 34.34
C VAL B 182 18.50 -18.53 33.62
N VAL B 183 18.37 -18.24 32.33
CA VAL B 183 17.22 -18.73 31.58
C VAL B 183 17.25 -20.24 31.48
N LEU B 184 18.40 -20.80 31.12
CA LEU B 184 18.47 -22.24 30.92
C LEU B 184 18.36 -22.99 32.24
N LEU B 185 19.01 -22.48 33.29
CA LEU B 185 19.05 -23.17 34.58
C LEU B 185 17.93 -22.76 35.51
N VAL B 186 16.79 -22.34 34.97
CA VAL B 186 15.59 -22.05 35.76
C VAL B 186 14.39 -22.56 34.99
N GLU B 187 13.49 -23.25 35.68
CA GLU B 187 12.31 -23.81 35.03
C GLU B 187 11.08 -22.93 35.18
N SER B 188 11.09 -21.97 36.10
CA SER B 188 9.91 -21.16 36.37
C SER B 188 9.84 -19.90 35.53
N ILE B 189 10.57 -19.84 34.42
CA ILE B 189 10.66 -18.64 33.62
C ILE B 189 9.87 -18.85 32.32
N THR B 190 8.90 -17.97 32.08
CA THR B 190 8.09 -18.03 30.89
C THR B 190 8.95 -17.72 29.65
N PRO B 191 8.62 -18.32 28.51
CA PRO B 191 9.44 -18.07 27.31
C PRO B 191 9.30 -16.67 26.77
N VAL B 192 8.13 -16.03 26.89
CA VAL B 192 8.03 -14.64 26.49
C VAL B 192 8.84 -13.75 27.42
N GLY B 193 8.82 -14.04 28.72
CA GLY B 193 9.64 -13.26 29.64
C GLY B 193 11.11 -13.56 29.48
N SER B 194 11.44 -14.81 29.18
CA SER B 194 12.80 -15.15 28.80
C SER B 194 13.26 -14.34 27.60
N LEU B 195 12.41 -14.24 26.59
CA LEU B 195 12.79 -13.47 25.41
C LEU B 195 12.95 -12.01 25.73
N LEU B 196 12.07 -11.46 26.55
CA LEU B 196 12.24 -10.06 26.92
C LEU B 196 13.53 -9.84 27.68
N ALA B 197 13.90 -10.76 28.57
CA ALA B 197 15.15 -10.62 29.30
C ALA B 197 16.35 -10.69 28.35
N LEU B 198 16.36 -11.67 27.46
CA LEU B 198 17.50 -11.81 26.56
C LEU B 198 17.56 -10.67 25.55
N MET B 199 16.42 -10.13 25.15
CA MET B 199 16.44 -9.04 24.20
C MET B 199 16.86 -7.74 24.88
N ALA B 200 16.41 -7.53 26.12
CA ALA B 200 16.91 -6.39 26.89
C ALA B 200 18.40 -6.50 27.11
N HIS B 201 18.91 -7.70 27.33
CA HIS B 201 20.33 -7.84 27.60
C HIS B 201 21.18 -7.76 26.34
N THR B 202 20.67 -8.20 25.19
CA THR B 202 21.43 -7.98 23.97
C THR B 202 21.39 -6.52 23.55
N ILE B 203 20.28 -5.83 23.81
CA ILE B 203 20.25 -4.39 23.57
C ILE B 203 21.24 -3.69 24.48
N LEU B 204 21.28 -4.08 25.75
CA LEU B 204 22.25 -3.49 26.67
C LEU B 204 23.68 -3.81 26.24
N PHE B 205 23.90 -5.01 25.73
CA PHE B 205 25.23 -5.37 25.27
C PHE B 205 25.68 -4.47 24.13
N LEU B 206 24.83 -4.32 23.10
CA LEU B 206 25.20 -3.45 22.00
C LEU B 206 25.38 -2.02 22.46
N LYS B 207 24.50 -1.54 23.34
CA LYS B 207 24.60 -0.18 23.85
C LYS B 207 25.91 0.04 24.59
N LEU B 208 26.31 -0.91 25.44
CA LEU B 208 27.54 -0.74 26.20
C LEU B 208 28.77 -0.95 25.35
N PHE B 209 28.70 -1.79 24.33
CA PHE B 209 29.78 -1.87 23.36
C PHE B 209 30.01 -0.52 22.72
N SER B 210 28.93 0.11 22.25
CA SER B 210 29.07 1.43 21.66
C SER B 210 29.55 2.45 22.68
N TYR B 211 29.10 2.32 23.92
CA TYR B 211 29.53 3.21 24.99
C TYR B 211 31.04 3.14 25.18
N ARG B 212 31.56 1.93 25.33
CA ARG B 212 33.01 1.74 25.44
C ARG B 212 33.73 2.34 24.25
N ASP B 213 33.24 2.07 23.04
CA ASP B 213 33.94 2.54 21.86
C ASP B 213 33.95 4.07 21.78
N VAL B 214 32.81 4.69 22.03
CA VAL B 214 32.73 6.14 21.89
C VAL B 214 33.57 6.81 22.96
N ASN B 215 33.53 6.30 24.19
CA ASN B 215 34.35 6.93 25.23
C ASN B 215 35.83 6.70 24.95
N SER B 216 36.20 5.53 24.46
CA SER B 216 37.59 5.31 24.07
C SER B 216 38.02 6.30 23.00
N TRP B 217 37.15 6.56 22.03
CA TRP B 217 37.49 7.51 20.97
C TRP B 217 37.66 8.92 21.53
N CYS B 218 36.65 9.40 22.26
CA CYS B 218 36.71 10.76 22.79
C CYS B 218 37.70 10.90 23.93
N ARG B 219 38.32 9.81 24.36
CA ARG B 219 39.42 9.87 25.31
C ARG B 219 40.78 9.84 24.63
N ARG B 220 40.94 9.01 23.59
CA ARG B 220 42.14 9.08 22.78
C ARG B 220 42.30 10.45 22.16
N ALA B 221 41.18 11.03 21.70
CA ALA B 221 41.24 12.36 21.10
C ALA B 221 41.69 13.40 22.10
N ARG B 222 41.19 13.32 23.33
CA ARG B 222 41.62 14.28 24.35
C ARG B 222 43.09 14.07 24.71
N ALA B 223 43.51 12.82 24.87
CA ALA B 223 44.89 12.54 25.18
C ALA B 223 45.81 13.09 24.10
N LYS B 224 45.40 13.02 22.84
CA LYS B 224 46.21 13.60 21.77
C LYS B 224 46.20 15.12 21.85
N ALA B 225 45.01 15.72 21.81
CA ALA B 225 44.88 17.17 21.77
C ALA B 225 45.44 17.86 23.00
N ALA B 226 45.68 17.13 24.10
CA ALA B 226 46.32 17.73 25.26
C ALA B 226 47.77 18.12 25.01
N SER B 227 48.36 17.66 23.92
CA SER B 227 49.74 17.95 23.56
C SER B 227 49.81 18.45 22.12
N ALA B 228 48.93 19.39 21.79
CA ALA B 228 48.87 19.94 20.44
C ALA B 228 50.08 20.81 20.14
N HIS B 239 24.91 23.84 25.84
CA HIS B 239 25.71 23.63 24.63
C HIS B 239 26.43 22.28 24.68
N THR B 240 27.28 22.05 23.68
CA THR B 240 28.03 20.81 23.57
C THR B 240 28.71 20.44 24.88
N VAL B 241 28.67 19.16 25.21
CA VAL B 241 29.38 18.63 26.37
C VAL B 241 30.67 17.98 25.90
N SER B 242 31.76 18.29 26.60
CA SER B 242 33.05 17.69 26.28
C SER B 242 33.08 16.26 26.81
N TYR B 243 34.21 15.59 26.62
CA TYR B 243 34.27 14.18 26.95
C TYR B 243 34.10 13.92 28.45
N PRO B 244 35.02 14.34 29.32
CA PRO B 244 35.00 13.83 30.69
C PRO B 244 33.81 14.30 31.49
N ASP B 245 32.97 15.17 30.94
CA ASP B 245 31.82 15.71 31.66
C ASP B 245 30.51 15.05 31.27
N ASN B 246 30.56 14.03 30.42
CA ASN B 246 29.37 13.29 30.04
C ASN B 246 29.19 12.01 30.84
N LEU B 247 30.15 11.67 31.70
CA LEU B 247 30.09 10.45 32.50
C LEU B 247 29.29 10.71 33.77
N THR B 248 27.97 10.80 33.60
CA THR B 248 27.06 10.99 34.70
C THR B 248 25.92 9.98 34.60
N TYR B 249 25.43 9.56 35.76
CA TYR B 249 24.39 8.54 35.79
C TYR B 249 23.17 8.98 34.99
N ARG B 250 22.83 10.27 35.08
CA ARG B 250 21.76 10.80 34.25
C ARG B 250 22.02 10.51 32.78
N ASP B 251 23.23 10.81 32.32
CA ASP B 251 23.58 10.59 30.91
C ASP B 251 23.50 9.12 30.55
N LEU B 252 24.15 8.28 31.33
CA LEU B 252 24.20 6.85 30.99
C LEU B 252 22.81 6.25 30.97
N TYR B 253 21.99 6.54 31.98
CA TYR B 253 20.67 5.94 32.03
C TYR B 253 19.68 6.62 31.10
N TYR B 254 20.02 7.77 30.54
CA TYR B 254 19.26 8.25 29.41
C TYR B 254 19.65 7.49 28.15
N PHE B 255 20.94 7.23 27.98
CA PHE B 255 21.39 6.48 26.83
C PHE B 255 20.82 5.08 26.83
N LEU B 256 20.74 4.45 28.00
CA LEU B 256 20.28 3.06 28.07
C LEU B 256 18.84 2.93 27.62
N PHE B 257 18.03 3.96 27.82
CA PHE B 257 16.65 3.93 27.41
C PHE B 257 16.40 4.69 26.13
N ALA B 258 17.44 5.06 25.44
CA ALA B 258 17.26 5.77 24.19
C ALA B 258 16.98 4.78 23.06
N PRO B 259 16.16 5.13 22.11
CA PRO B 259 15.92 4.24 20.98
C PRO B 259 17.09 4.26 20.01
N THR B 260 18.26 3.85 20.48
CA THR B 260 19.44 3.80 19.65
C THR B 260 20.43 2.85 20.26
N LEU B 261 21.34 2.35 19.43
CA LEU B 261 22.42 1.52 19.90
C LEU B 261 23.78 2.20 19.82
N CYS B 262 23.87 3.33 19.13
CA CYS B 262 25.14 4.04 19.01
C CYS B 262 25.18 5.15 20.04
N TYR B 263 26.12 5.06 20.98
CA TYR B 263 26.29 6.13 21.95
C TYR B 263 26.75 7.39 21.25
N GLU B 264 26.42 8.52 21.86
CA GLU B 264 26.82 9.81 21.32
C GLU B 264 26.67 10.87 22.38
N LEU B 265 27.72 11.64 22.62
CA LEU B 265 27.59 12.82 23.45
C LEU B 265 26.72 13.83 22.71
N ASN B 266 25.80 14.46 23.44
CA ASN B 266 24.89 15.44 22.86
C ASN B 266 24.00 14.80 21.79
N PHE B 267 23.13 13.91 22.25
CA PHE B 267 22.07 13.43 21.40
C PHE B 267 21.23 14.61 20.92
N PRO B 268 20.70 14.55 19.70
CA PRO B 268 19.69 15.53 19.31
C PRO B 268 18.49 15.43 20.22
N ARG B 269 17.68 16.48 20.23
CA ARG B 269 16.57 16.54 21.17
C ARG B 269 15.35 17.13 20.49
N SER B 270 14.21 16.65 20.88
CA SER B 270 12.98 17.23 20.37
C SER B 270 12.57 18.41 21.23
N PRO B 271 11.86 19.37 20.65
CA PRO B 271 11.42 20.54 21.45
C PRO B 271 10.50 20.16 22.60
N ARG B 272 9.44 19.40 22.35
CA ARG B 272 8.45 19.16 23.38
C ARG B 272 7.99 17.71 23.30
N ILE B 273 6.92 17.39 24.04
CA ILE B 273 6.52 16.02 24.27
C ILE B 273 5.37 15.63 23.34
N ARG B 274 4.55 16.59 22.95
CA ARG B 274 3.51 16.36 21.94
C ARG B 274 2.55 15.26 22.38
N LYS B 275 1.80 15.57 23.44
CA LYS B 275 0.90 14.58 24.03
C LYS B 275 0.03 13.89 22.98
N ARG B 276 -0.34 14.60 21.91
CA ARG B 276 -1.15 13.96 20.89
C ARG B 276 -0.38 12.86 20.17
N PHE B 277 0.89 13.12 19.86
CA PHE B 277 1.73 12.12 19.21
C PHE B 277 1.92 10.91 20.11
N LEU B 278 2.22 11.15 21.39
CA LEU B 278 2.40 10.04 22.31
C LEU B 278 1.12 9.24 22.46
N LEU B 279 -0.02 9.92 22.48
CA LEU B 279 -1.30 9.22 22.58
C LEU B 279 -1.53 8.35 21.35
N ARG B 280 -1.25 8.88 20.16
CA ARG B 280 -1.44 8.09 18.95
C ARG B 280 -0.50 6.90 18.92
N ARG B 281 0.71 7.06 19.44
CA ARG B 281 1.64 5.94 19.47
C ARG B 281 1.16 4.86 20.42
N ILE B 282 0.66 5.25 21.59
CA ILE B 282 0.14 4.27 22.53
C ILE B 282 -1.08 3.58 21.95
N LEU B 283 -1.92 4.34 21.25
CA LEU B 283 -3.09 3.73 20.60
C LEU B 283 -2.66 2.74 19.53
N GLU B 284 -1.66 3.08 18.73
CA GLU B 284 -1.17 2.13 17.74
C GLU B 284 -0.62 0.88 18.40
N MET B 285 0.12 1.03 19.49
CA MET B 285 0.66 -0.14 20.18
C MET B 285 -0.46 -1.04 20.68
N LEU B 286 -1.48 -0.45 21.31
CA LEU B 286 -2.59 -1.25 21.80
C LEU B 286 -3.36 -1.91 20.68
N PHE B 287 -3.65 -1.15 19.62
CA PHE B 287 -4.41 -1.66 18.49
C PHE B 287 -3.70 -2.80 17.81
N PHE B 288 -2.41 -2.62 17.52
CA PHE B 288 -1.68 -3.66 16.81
C PHE B 288 -1.36 -4.84 17.70
N THR B 289 -1.29 -4.64 19.01
CA THR B 289 -1.21 -5.79 19.91
C THR B 289 -2.48 -6.61 19.84
N GLN B 290 -3.63 -5.96 19.92
CA GLN B 290 -4.88 -6.69 19.79
C GLN B 290 -5.01 -7.33 18.41
N LEU B 291 -4.45 -6.70 17.39
CA LEU B 291 -4.52 -7.24 16.04
C LEU B 291 -3.64 -8.48 15.90
N GLN B 292 -2.46 -8.46 16.51
CA GLN B 292 -1.62 -9.65 16.50
C GLN B 292 -2.26 -10.78 17.27
N VAL B 293 -2.89 -10.47 18.39
CA VAL B 293 -3.59 -11.51 19.13
C VAL B 293 -4.69 -12.12 18.28
N GLY B 294 -5.45 -11.27 17.59
CA GLY B 294 -6.45 -11.79 16.67
C GLY B 294 -5.85 -12.70 15.62
N LEU B 295 -4.80 -12.22 14.93
CA LEU B 295 -4.12 -13.00 13.91
C LEU B 295 -3.73 -14.37 14.44
N ILE B 296 -2.95 -14.41 15.53
CA ILE B 296 -2.51 -15.68 16.07
C ILE B 296 -3.71 -16.56 16.41
N GLN B 297 -4.52 -16.11 17.38
CA GLN B 297 -5.54 -16.96 17.96
C GLN B 297 -6.64 -17.35 16.99
N GLN B 298 -6.76 -16.68 15.84
CA GLN B 298 -7.85 -17.00 14.93
C GLN B 298 -7.40 -17.40 13.55
N TRP B 299 -6.10 -17.44 13.27
CA TRP B 299 -5.65 -17.86 11.96
C TRP B 299 -4.57 -18.91 12.08
N MET B 300 -3.77 -18.86 13.14
CA MET B 300 -2.59 -19.69 13.24
C MET B 300 -2.72 -20.78 14.29
N VAL B 301 -3.22 -20.44 15.48
CA VAL B 301 -3.46 -21.48 16.49
C VAL B 301 -4.45 -22.53 16.00
N PRO B 302 -5.57 -22.18 15.37
CA PRO B 302 -6.38 -23.23 14.73
C PRO B 302 -5.61 -24.05 13.71
N THR B 303 -4.89 -23.41 12.80
CA THR B 303 -4.18 -24.15 11.76
C THR B 303 -3.13 -25.08 12.36
N ILE B 304 -2.46 -24.67 13.42
CA ILE B 304 -1.49 -25.54 14.06
C ILE B 304 -2.19 -26.68 14.79
N GLN B 305 -3.32 -26.38 15.43
CA GLN B 305 -4.02 -27.41 16.19
C GLN B 305 -4.73 -28.41 15.30
N ASN B 306 -4.90 -28.11 14.01
CA ASN B 306 -5.43 -29.10 13.10
C ASN B 306 -4.52 -30.32 13.01
N SER B 307 -3.21 -30.09 13.01
CA SER B 307 -2.22 -31.18 13.00
C SER B 307 -1.12 -30.80 13.99
N MET B 308 -1.29 -31.20 15.25
CA MET B 308 -0.33 -30.87 16.29
C MET B 308 0.79 -31.92 16.25
N LYS B 309 1.72 -31.70 15.33
CA LYS B 309 2.86 -32.58 15.15
C LYS B 309 4.12 -31.73 15.06
N PRO B 310 5.15 -32.03 15.84
CA PRO B 310 6.34 -31.18 15.83
C PRO B 310 7.04 -31.20 14.48
N PHE B 311 7.66 -30.07 14.15
CA PHE B 311 8.41 -29.98 12.90
C PHE B 311 9.68 -30.82 12.93
N LYS B 312 10.23 -31.09 14.10
CA LYS B 312 11.45 -31.86 14.18
C LYS B 312 11.23 -33.33 13.83
N ASP B 313 9.98 -33.80 13.89
CA ASP B 313 9.67 -35.19 13.58
C ASP B 313 9.06 -35.36 12.19
N MET B 314 8.34 -34.37 11.69
CA MET B 314 7.76 -34.46 10.36
C MET B 314 8.86 -34.53 9.30
N ASP B 315 8.45 -34.90 8.09
CA ASP B 315 9.36 -34.94 6.95
C ASP B 315 9.27 -33.64 6.18
N TYR B 316 10.21 -33.46 5.24
CA TYR B 316 10.27 -32.22 4.48
C TYR B 316 8.96 -31.97 3.74
N SER B 317 8.35 -33.03 3.19
CA SER B 317 7.10 -32.85 2.47
C SER B 317 6.00 -32.31 3.38
N ARG B 318 5.79 -32.97 4.53
CA ARG B 318 4.75 -32.49 5.44
C ARG B 318 5.12 -31.15 6.06
N ILE B 319 6.41 -30.92 6.32
CA ILE B 319 6.84 -29.61 6.81
C ILE B 319 6.43 -28.53 5.84
N ILE B 320 6.68 -28.74 4.54
CA ILE B 320 6.32 -27.72 3.57
C ILE B 320 4.81 -27.61 3.43
N GLU B 321 4.11 -28.74 3.50
CA GLU B 321 2.65 -28.70 3.40
C GLU B 321 2.03 -27.88 4.53
N ARG B 322 2.65 -27.89 5.70
CA ARG B 322 2.15 -27.13 6.83
C ARG B 322 2.62 -25.68 6.80
N LEU B 323 3.87 -25.45 6.37
CA LEU B 323 4.38 -24.09 6.31
C LEU B 323 3.70 -23.28 5.22
N LEU B 324 3.25 -23.92 4.14
CA LEU B 324 2.46 -23.19 3.16
C LEU B 324 1.16 -22.69 3.77
N LYS B 325 0.59 -23.45 4.69
CA LYS B 325 -0.63 -22.98 5.34
C LYS B 325 -0.33 -21.94 6.40
N LEU B 326 0.86 -21.96 6.99
CA LEU B 326 1.18 -21.07 8.08
C LEU B 326 1.91 -19.79 7.65
N ALA B 327 2.37 -19.71 6.41
CA ALA B 327 3.27 -18.61 6.03
C ALA B 327 2.57 -17.26 6.08
N VAL B 328 1.48 -17.10 5.34
CA VAL B 328 0.84 -15.80 5.23
C VAL B 328 0.42 -15.22 6.57
N PRO B 329 -0.20 -15.97 7.48
CA PRO B 329 -0.46 -15.40 8.81
C PRO B 329 0.81 -15.04 9.53
N ASN B 330 1.85 -15.87 9.40
CA ASN B 330 3.13 -15.56 10.02
C ASN B 330 3.70 -14.29 9.45
N HIS B 331 3.58 -14.10 8.14
CA HIS B 331 4.07 -12.89 7.51
C HIS B 331 3.32 -11.66 8.01
N LEU B 332 2.01 -11.74 8.13
CA LEU B 332 1.25 -10.61 8.64
C LEU B 332 1.64 -10.29 10.07
N ILE B 333 1.83 -11.32 10.89
CA ILE B 333 2.24 -11.10 12.26
C ILE B 333 3.60 -10.42 12.31
N TRP B 334 4.50 -10.78 11.40
CA TRP B 334 5.82 -10.16 11.43
C TRP B 334 5.77 -8.73 10.93
N LEU B 335 4.92 -8.42 9.96
CA LEU B 335 4.75 -7.02 9.56
C LEU B 335 4.19 -6.20 10.72
N ILE B 336 3.26 -6.77 11.47
CA ILE B 336 2.71 -6.03 12.60
C ILE B 336 3.74 -5.88 13.71
N PHE B 337 4.57 -6.91 13.93
CA PHE B 337 5.71 -6.74 14.84
C PHE B 337 6.59 -5.59 14.41
N PHE B 338 6.98 -5.58 13.13
CA PHE B 338 7.84 -4.50 12.67
C PHE B 338 7.22 -3.16 12.94
N TYR B 339 5.97 -2.97 12.54
CA TYR B 339 5.36 -1.66 12.79
C TYR B 339 5.29 -1.38 14.28
N TRP B 340 4.51 -2.17 15.00
CA TRP B 340 4.29 -2.03 16.43
C TRP B 340 5.56 -1.75 17.21
N LEU B 341 6.70 -2.26 16.77
CA LEU B 341 7.94 -2.10 17.52
C LEU B 341 8.83 -0.99 16.97
N PHE B 342 9.22 -1.07 15.71
CA PHE B 342 10.15 -0.13 15.14
C PHE B 342 9.53 1.21 14.78
N HIS B 343 8.22 1.36 14.81
CA HIS B 343 7.63 2.67 14.67
C HIS B 343 6.90 3.09 15.93
N SER B 344 5.89 2.34 16.36
CA SER B 344 5.04 2.81 17.45
C SER B 344 5.78 2.78 18.79
N CYS B 345 6.35 1.64 19.15
CA CYS B 345 7.00 1.54 20.45
C CYS B 345 8.22 2.44 20.53
N LEU B 346 9.05 2.42 19.50
CA LEU B 346 10.27 3.23 19.53
C LEU B 346 9.95 4.71 19.46
N ASN B 347 8.88 5.09 18.77
CA ASN B 347 8.49 6.50 18.75
C ASN B 347 7.86 6.93 20.06
N ALA B 348 7.10 6.05 20.71
CA ALA B 348 6.59 6.37 22.03
C ALA B 348 7.74 6.59 23.00
N VAL B 349 8.74 5.72 22.96
CA VAL B 349 9.90 5.89 23.83
C VAL B 349 10.61 7.19 23.50
N ALA B 350 10.93 7.40 22.22
CA ALA B 350 11.66 8.59 21.82
C ALA B 350 10.87 9.86 22.06
N GLU B 351 9.55 9.76 22.22
CA GLU B 351 8.76 10.94 22.50
C GLU B 351 8.67 11.23 23.98
N LEU B 352 8.52 10.19 24.81
CA LEU B 352 8.57 10.38 26.25
C LEU B 352 9.86 11.07 26.66
N MET B 353 10.99 10.45 26.38
CA MET B 353 12.29 11.06 26.56
C MET B 353 12.69 11.65 25.22
N GLN B 354 12.45 12.94 25.05
CA GLN B 354 12.60 13.62 23.76
C GLN B 354 13.90 13.25 23.11
N PHE B 355 13.84 12.56 21.98
CA PHE B 355 15.06 12.04 21.36
C PHE B 355 15.34 12.61 19.99
N GLY B 356 14.32 12.85 19.18
CA GLY B 356 14.48 13.67 18.01
C GLY B 356 15.17 13.04 16.81
N ASP B 357 15.93 11.97 16.98
CA ASP B 357 16.54 11.36 15.80
C ASP B 357 15.52 10.52 15.03
N ARG B 358 15.03 9.46 15.64
CA ARG B 358 13.82 8.79 15.17
C ARG B 358 13.94 8.20 13.77
N GLU B 359 15.14 7.83 13.33
CA GLU B 359 15.24 7.03 12.12
C GLU B 359 15.52 5.59 12.54
N PHE B 360 14.45 4.87 12.86
CA PHE B 360 14.56 3.50 13.29
C PHE B 360 14.45 2.52 12.14
N TYR B 361 13.99 2.96 10.98
CA TYR B 361 13.91 2.09 9.83
C TYR B 361 14.02 2.96 8.59
N ARG B 362 14.31 2.32 7.48
CA ARG B 362 14.28 2.97 6.19
C ARG B 362 13.42 2.13 5.27
N ASP B 363 13.21 2.61 4.05
CA ASP B 363 12.23 1.98 3.18
C ASP B 363 12.77 0.64 2.72
N TRP B 364 12.62 -0.36 3.60
CA TRP B 364 12.94 -1.72 3.22
C TRP B 364 11.85 -2.36 2.40
N TRP B 365 10.67 -1.75 2.35
CA TRP B 365 9.59 -2.36 1.59
C TRP B 365 9.81 -2.20 0.10
N ASN B 366 10.34 -1.07 -0.34
CA ASN B 366 10.71 -0.92 -1.74
C ASN B 366 12.20 -1.21 -1.93
N SER B 367 12.57 -2.40 -1.52
CA SER B 367 13.96 -2.87 -1.57
C SER B 367 14.04 -3.94 -2.65
N GLU B 368 14.66 -3.59 -3.78
CA GLU B 368 14.72 -4.53 -4.89
C GLU B 368 15.98 -5.38 -4.86
N SER B 369 16.31 -5.93 -3.69
CA SER B 369 17.41 -6.85 -3.49
C SER B 369 17.41 -7.22 -2.02
N VAL B 370 17.95 -8.39 -1.70
CA VAL B 370 18.00 -8.77 -0.29
C VAL B 370 19.07 -7.97 0.44
N THR B 371 20.16 -7.65 -0.23
CA THR B 371 21.22 -6.87 0.41
C THR B 371 20.73 -5.49 0.79
N TYR B 372 19.90 -4.87 -0.06
CA TYR B 372 19.32 -3.59 0.31
C TYR B 372 18.28 -3.77 1.41
N PHE B 373 17.65 -4.94 1.49
CA PHE B 373 16.70 -5.15 2.56
C PHE B 373 17.39 -5.17 3.91
N TRP B 374 18.43 -5.98 4.04
CA TRP B 374 19.10 -6.08 5.33
C TRP B 374 19.68 -4.75 5.77
N GLN B 375 20.16 -3.94 4.83
CA GLN B 375 20.76 -2.66 5.15
C GLN B 375 19.74 -1.59 5.50
N ASN B 376 18.46 -1.89 5.49
CA ASN B 376 17.45 -0.89 5.80
C ASN B 376 16.39 -1.38 6.75
N TRP B 377 16.17 -2.68 6.87
CA TRP B 377 15.48 -3.21 8.02
C TRP B 377 16.34 -2.96 9.27
N ASN B 378 15.73 -2.43 10.32
CA ASN B 378 16.42 -2.26 11.60
C ASN B 378 17.65 -1.37 11.45
N ILE B 379 17.38 -0.10 11.18
CA ILE B 379 18.46 0.87 11.05
C ILE B 379 19.32 0.96 12.30
N PRO B 380 18.79 0.96 13.53
CA PRO B 380 19.69 1.06 14.70
C PRO B 380 20.73 -0.03 14.73
N VAL B 381 20.31 -1.29 14.64
CA VAL B 381 21.27 -2.40 14.66
C VAL B 381 22.21 -2.29 13.48
N HIS B 382 21.72 -1.85 12.34
CA HIS B 382 22.58 -1.84 11.16
C HIS B 382 23.66 -0.77 11.28
N LYS B 383 23.32 0.40 11.80
CA LYS B 383 24.36 1.40 11.92
C LYS B 383 25.30 1.10 13.07
N TRP B 384 24.80 0.47 14.14
CA TRP B 384 25.70 -0.07 15.15
C TRP B 384 26.68 -1.03 14.52
N CYS B 385 26.19 -1.95 13.70
CA CYS B 385 27.05 -2.85 12.96
C CYS B 385 28.09 -2.07 12.18
N ILE B 386 27.63 -1.19 11.29
CA ILE B 386 28.49 -0.56 10.32
C ILE B 386 29.55 0.32 10.97
N ARG B 387 29.30 0.84 12.18
CA ARG B 387 30.28 1.74 12.77
C ARG B 387 30.80 1.28 14.12
N HIS B 388 30.57 0.01 14.47
CA HIS B 388 31.25 -0.56 15.62
C HIS B 388 31.75 -1.98 15.39
N PHE B 389 31.40 -2.63 14.29
CA PHE B 389 31.78 -4.00 14.05
C PHE B 389 32.29 -4.27 12.64
N TYR B 390 31.93 -3.45 11.66
CA TYR B 390 32.37 -3.64 10.29
C TYR B 390 33.46 -2.67 9.89
N LYS B 391 33.25 -1.37 10.08
CA LYS B 391 34.31 -0.42 9.83
C LYS B 391 35.55 -0.67 10.69
N PRO B 392 35.44 -1.00 11.99
CA PRO B 392 36.65 -1.32 12.74
C PRO B 392 37.39 -2.53 12.20
N MET B 393 36.68 -3.55 11.72
CA MET B 393 37.37 -4.70 11.15
C MET B 393 38.13 -4.31 9.88
N LEU B 394 37.55 -3.44 9.07
CA LEU B 394 38.28 -2.95 7.91
C LEU B 394 39.49 -2.13 8.33
N ARG B 395 39.35 -1.34 9.39
CA ARG B 395 40.48 -0.59 9.93
C ARG B 395 41.48 -1.54 10.60
N ARG B 396 41.02 -2.24 11.64
CA ARG B 396 41.87 -3.19 12.38
C ARG B 396 42.00 -4.49 11.59
N GLY B 397 42.56 -4.37 10.39
CA GLY B 397 42.74 -5.53 9.55
C GLY B 397 42.36 -5.29 8.10
N SER B 398 41.86 -6.33 7.45
CA SER B 398 41.62 -6.29 6.01
C SER B 398 40.48 -7.24 5.68
N SER B 399 40.39 -7.63 4.41
CA SER B 399 39.50 -8.69 3.92
C SER B 399 38.04 -8.34 4.15
N LYS B 400 37.60 -7.34 3.41
CA LYS B 400 36.18 -6.94 3.36
C LYS B 400 35.27 -8.17 3.34
N TRP B 401 35.66 -9.20 2.60
CA TRP B 401 34.92 -10.45 2.63
C TRP B 401 34.83 -11.01 4.05
N MET B 402 35.95 -10.98 4.78
CA MET B 402 35.93 -11.48 6.15
C MET B 402 35.08 -10.59 7.06
N ALA B 403 35.07 -9.29 6.82
CA ALA B 403 34.22 -8.41 7.61
C ALA B 403 32.74 -8.73 7.37
N ARG B 404 32.36 -8.92 6.11
CA ARG B 404 30.98 -9.24 5.81
C ARG B 404 30.59 -10.59 6.41
N THR B 405 31.47 -11.58 6.32
CA THR B 405 31.11 -12.87 6.89
C THR B 405 31.10 -12.84 8.41
N GLY B 406 31.90 -11.97 9.03
CA GLY B 406 31.81 -11.80 10.47
C GLY B 406 30.51 -11.14 10.87
N VAL B 407 30.06 -10.17 10.09
CA VAL B 407 28.75 -9.57 10.35
C VAL B 407 27.66 -10.62 10.23
N PHE B 408 27.73 -11.45 9.20
CA PHE B 408 26.76 -12.53 9.05
C PHE B 408 26.78 -13.45 10.26
N LEU B 409 27.97 -13.85 10.69
CA LEU B 409 28.09 -14.75 11.83
C LEU B 409 27.50 -14.13 13.09
N ALA B 410 27.80 -12.86 13.34
CA ALA B 410 27.28 -12.22 14.54
C ALA B 410 25.76 -12.11 14.49
N SER B 411 25.22 -11.75 13.34
CA SER B 411 23.77 -11.64 13.22
C SER B 411 23.11 -12.99 13.43
N ALA B 412 23.67 -14.05 12.84
CA ALA B 412 23.07 -15.37 13.00
C ALA B 412 23.18 -15.85 14.44
N PHE B 413 24.31 -15.58 15.09
CA PHE B 413 24.45 -15.94 16.49
C PHE B 413 23.39 -15.26 17.33
N PHE B 414 23.23 -13.94 17.14
CA PHE B 414 22.25 -13.23 17.95
C PHE B 414 20.83 -13.68 17.64
N HIS B 415 20.55 -14.05 16.39
CA HIS B 415 19.22 -14.54 16.08
C HIS B 415 18.95 -15.87 16.77
N GLU B 416 19.86 -16.84 16.62
CA GLU B 416 19.63 -18.12 17.27
C GLU B 416 19.76 -18.03 18.78
N TYR B 417 20.35 -16.95 19.29
CA TYR B 417 20.43 -16.77 20.73
C TYR B 417 19.19 -16.12 21.28
N LEU B 418 18.50 -15.33 20.46
CA LEU B 418 17.26 -14.74 20.89
C LEU B 418 16.08 -15.67 20.69
N VAL B 419 16.13 -16.54 19.69
CA VAL B 419 14.95 -17.34 19.37
C VAL B 419 15.04 -18.71 20.02
N SER B 420 16.26 -19.21 20.20
CA SER B 420 16.41 -20.60 20.60
C SER B 420 16.79 -20.79 22.06
N VAL B 421 17.27 -19.76 22.75
CA VAL B 421 17.55 -19.89 24.16
C VAL B 421 16.26 -19.76 24.96
N PRO B 422 15.36 -18.81 24.65
CA PRO B 422 14.07 -18.82 25.36
C PRO B 422 13.28 -20.08 25.14
N LEU B 423 13.21 -20.58 23.91
CA LEU B 423 12.49 -21.81 23.64
C LEU B 423 13.30 -23.06 23.98
N ARG B 424 14.51 -22.89 24.50
CA ARG B 424 15.33 -24.00 24.97
C ARG B 424 15.67 -25.01 23.88
N MET B 425 15.25 -24.74 22.65
CA MET B 425 15.59 -25.60 21.52
C MET B 425 16.91 -25.17 20.92
N PHE B 426 17.57 -26.12 20.25
CA PHE B 426 18.79 -25.80 19.53
C PHE B 426 18.84 -26.54 18.22
N ARG B 427 17.73 -26.56 17.49
CA ARG B 427 17.71 -27.26 16.22
C ARG B 427 18.53 -26.57 15.15
N LEU B 428 19.14 -25.44 15.46
CA LEU B 428 19.97 -24.69 14.50
C LEU B 428 19.20 -24.46 13.20
N TRP B 429 17.98 -23.97 13.35
CA TRP B 429 17.15 -23.63 12.20
C TRP B 429 17.30 -22.18 11.81
N ALA B 430 17.28 -21.27 12.79
CA ALA B 430 17.48 -19.87 12.49
C ALA B 430 18.81 -19.64 11.81
N PHE B 431 19.84 -20.40 12.21
CA PHE B 431 21.13 -20.27 11.57
C PHE B 431 21.09 -20.76 10.13
N THR B 432 20.43 -21.89 9.87
CA THR B 432 20.38 -22.38 8.51
C THR B 432 19.57 -21.46 7.61
N GLY B 433 18.52 -20.84 8.14
CA GLY B 433 17.79 -19.85 7.37
C GLY B 433 18.62 -18.61 7.09
N MET B 434 19.34 -18.13 8.11
CA MET B 434 20.23 -17.00 7.90
C MET B 434 21.28 -17.31 6.84
N MET B 435 21.76 -18.56 6.82
CA MET B 435 22.66 -18.98 5.77
C MET B 435 21.98 -18.92 4.41
N ALA B 436 20.89 -19.67 4.26
CA ALA B 436 20.17 -19.73 2.99
C ALA B 436 19.78 -18.36 2.48
N GLN B 437 19.76 -17.35 3.35
CA GLN B 437 19.58 -15.99 2.85
C GLN B 437 20.67 -15.59 1.86
N ILE B 438 21.86 -16.16 1.99
CA ILE B 438 23.01 -15.79 1.15
C ILE B 438 22.80 -16.24 -0.29
N PRO B 439 22.60 -17.54 -0.57
CA PRO B 439 22.33 -17.91 -1.96
C PRO B 439 21.08 -17.26 -2.50
N LEU B 440 20.07 -17.11 -1.64
CA LEU B 440 18.85 -16.42 -2.05
C LEU B 440 19.13 -14.97 -2.40
N ALA B 441 20.00 -14.31 -1.64
CA ALA B 441 20.34 -12.93 -1.94
C ALA B 441 21.04 -12.84 -3.28
N TRP B 442 22.00 -13.72 -3.54
CA TRP B 442 22.66 -13.70 -4.83
C TRP B 442 21.67 -13.97 -5.96
N PHE B 443 20.76 -14.92 -5.75
CA PHE B 443 19.78 -15.27 -6.78
C PHE B 443 18.90 -14.07 -7.12
N VAL B 444 18.28 -13.48 -6.10
CA VAL B 444 17.38 -12.35 -6.32
C VAL B 444 18.12 -11.16 -6.88
N GLY B 445 19.37 -10.94 -6.46
CA GLY B 445 20.12 -9.83 -7.01
C GLY B 445 20.49 -10.03 -8.46
N ARG B 446 20.74 -11.27 -8.87
CA ARG B 446 21.18 -11.51 -10.24
C ARG B 446 20.01 -11.54 -11.21
N PHE B 447 18.92 -12.21 -10.85
CA PHE B 447 17.90 -12.50 -11.84
C PHE B 447 16.87 -11.38 -11.98
N PHE B 448 16.29 -10.94 -10.87
CA PHE B 448 15.18 -10.01 -10.90
C PHE B 448 15.66 -8.58 -10.74
N GLN B 449 14.85 -7.64 -11.25
CA GLN B 449 15.19 -6.23 -11.23
C GLN B 449 13.95 -5.42 -10.95
N GLY B 450 14.13 -4.25 -10.36
CA GLY B 450 13.04 -3.31 -10.19
C GLY B 450 11.91 -3.89 -9.36
N ASN B 451 10.69 -3.76 -9.87
CA ASN B 451 9.54 -4.23 -9.11
C ASN B 451 9.49 -5.75 -9.05
N TYR B 452 10.05 -6.45 -10.03
CA TYR B 452 10.12 -7.89 -9.90
C TYR B 452 11.14 -8.29 -8.86
N GLY B 453 12.24 -7.54 -8.73
CA GLY B 453 13.15 -7.78 -7.64
C GLY B 453 12.50 -7.51 -6.30
N ASN B 454 11.67 -6.47 -6.23
CA ASN B 454 10.97 -6.18 -4.98
C ASN B 454 9.98 -7.27 -4.64
N ALA B 455 9.27 -7.80 -5.64
CA ALA B 455 8.40 -8.92 -5.37
C ALA B 455 9.18 -10.16 -4.96
N ALA B 456 10.38 -10.35 -5.52
CA ALA B 456 11.22 -11.45 -5.08
C ALA B 456 11.63 -11.28 -3.63
N VAL B 457 11.89 -10.05 -3.21
CA VAL B 457 12.23 -9.81 -1.81
C VAL B 457 11.02 -10.03 -0.92
N TRP B 458 9.84 -9.67 -1.39
CA TRP B 458 8.64 -9.94 -0.60
C TRP B 458 8.42 -11.43 -0.43
N LEU B 459 8.67 -12.21 -1.48
CA LEU B 459 8.67 -13.65 -1.32
C LEU B 459 9.73 -14.07 -0.31
N SER B 460 10.95 -13.57 -0.46
CA SER B 460 12.04 -13.86 0.45
C SER B 460 11.75 -13.46 1.89
N LEU B 461 10.72 -12.67 2.14
CA LEU B 461 10.29 -12.40 3.50
C LEU B 461 9.11 -13.24 3.91
N ILE B 462 8.29 -13.67 2.96
CA ILE B 462 7.14 -14.50 3.33
C ILE B 462 7.60 -15.88 3.74
N ILE B 463 8.57 -16.45 3.02
CA ILE B 463 9.13 -17.72 3.45
C ILE B 463 10.44 -17.49 4.19
N GLY B 464 11.48 -17.08 3.48
CA GLY B 464 12.65 -16.45 4.06
C GLY B 464 13.11 -16.87 5.45
N GLN B 465 13.42 -15.88 6.27
CA GLN B 465 13.86 -16.02 7.65
C GLN B 465 12.72 -16.18 8.65
N PRO B 466 11.62 -15.43 8.55
CA PRO B 466 10.56 -15.58 9.56
C PRO B 466 10.03 -16.98 9.69
N ILE B 467 10.17 -17.82 8.66
CA ILE B 467 9.71 -19.20 8.77
C ILE B 467 10.56 -19.98 9.77
N ALA B 468 11.82 -19.61 9.95
CA ALA B 468 12.63 -20.30 10.95
C ALA B 468 12.08 -20.03 12.35
N VAL B 469 11.81 -18.76 12.67
CA VAL B 469 11.22 -18.43 13.96
C VAL B 469 9.86 -19.08 14.09
N LEU B 470 9.12 -19.17 12.99
CA LEU B 470 7.82 -19.84 13.03
C LEU B 470 7.98 -21.31 13.36
N MET B 471 8.99 -21.96 12.80
CA MET B 471 9.22 -23.36 13.12
C MET B 471 9.55 -23.54 14.58
N TYR B 472 10.42 -22.69 15.12
CA TYR B 472 10.73 -22.76 16.54
C TYR B 472 9.47 -22.63 17.38
N VAL B 473 8.67 -21.61 17.12
CA VAL B 473 7.50 -21.38 17.95
C VAL B 473 6.45 -22.47 17.74
N HIS B 474 6.34 -23.01 16.54
CA HIS B 474 5.40 -24.09 16.29
C HIS B 474 5.79 -25.34 17.06
N ASP B 475 7.09 -25.68 17.05
CA ASP B 475 7.53 -26.81 17.85
C ASP B 475 7.28 -26.56 19.32
N TYR B 476 7.54 -25.34 19.80
CA TYR B 476 7.31 -25.09 21.22
C TYR B 476 5.82 -25.09 21.56
N TYR B 477 4.96 -24.82 20.59
CA TYR B 477 3.54 -24.85 20.90
C TYR B 477 3.02 -26.27 20.93
N VAL B 478 3.36 -27.08 19.92
CA VAL B 478 2.82 -28.43 19.86
C VAL B 478 3.48 -29.36 20.87
N LEU B 479 4.65 -29.01 21.38
CA LEU B 479 5.30 -29.84 22.39
C LEU B 479 4.83 -29.50 23.80
N ASN B 480 3.99 -28.51 23.97
CA ASN B 480 3.51 -28.15 25.29
C ASN B 480 2.01 -28.24 25.45
N TYR B 481 1.24 -27.65 24.55
CA TYR B 481 -0.21 -27.61 24.70
C TYR B 481 -0.93 -28.28 23.55
#